data_8ORP
#
_entry.id   8ORP
#
_cell.length_a   80.080
_cell.length_b   72.540
_cell.length_c   98.210
_cell.angle_alpha   90.000
_cell.angle_beta   98.410
_cell.angle_gamma   90.000
#
_symmetry.space_group_name_H-M   'P 1 21 1'
#
loop_
_entity.id
_entity.type
_entity.pdbx_description
1 polymer 'Alpha-amylase A'
2 branched 4,6-dideoxy-4-{[(1S,2S,3S,4R,5R)-2,3,4-trihydroxy-5-(hydroxymethyl)cyclohexyl]amino}-alpha-D-glucopyranose-(1-4)-alpha-D-glucopyranose-(1-4)-beta-D-glucopyranose
3 branched 4,6-dideoxy-4-{[(1S,2S,3S,4R,5R)-2,3,4-trihydroxy-5-(hydroxymethyl)cyclohexyl]amino}-alpha-D-glucopyranose-(1-4)-alpha-D-glucopyranose
4 non-polymer 'CHLORIDE ION'
5 non-polymer 1,2-ETHANEDIOL
6 non-polymer 'STRONTIUM ION'
7 water water
#
_entity_poly.entity_id   1
_entity_poly.type   'polypeptide(L)'
_entity_poly.pdbx_seq_one_letter_code
;MFLAKSIVCLALLAVANAQFDTNYASGRSGMVHLFEWKWDDIAAECENFLGPNGYAGVQVSPVNENAVKDSRPWWERYQP
ISYKLETRSGNEEQFASMVKRCNAVGVRTYVDVVFNHMAADGGTYGTGGSTASPSSKSYPGVPYSSLDFNPTCAISNYND
ANEVRNCELVGLRDLNQGNSYVQDKVVEFLDHLIDLGVAGFRVDAAKHMWPADLAVIYGRLKNLNTDHGFASGSKAYIVQ
EVIDMGGEAISKSEYTGLGAITEFRHSDSIGKVFRGKDQLQYLTNWGTAWGFAASDRSLVFVDNHDNQRGHGAGGADVLT
YKVPKQYKMASAFMLAHPFGTPRVMSSFSFTDTDQGPPTTDGHNIASPIFNSDNSCSGGWVCEHRWRQIYNMVAFRNTVG
SDEIQNWWDNGSNQISFSRGSRGFVAFNNDNYDLNSSLQTGLPAGTYCDVISGSKSGSSCTGKTVTVGSDGRASINIGSS
EDDGVLAIHVNAKL
;
_entity_poly.pdbx_strand_id   A,B
#
loop_
_chem_comp.id
_chem_comp.type
_chem_comp.name
_chem_comp.formula
BGC D-saccharide, beta linking beta-D-glucopyranose 'C6 H12 O6'
CL non-polymer 'CHLORIDE ION' 'Cl -1'
EDO non-polymer 1,2-ETHANEDIOL 'C2 H6 O2'
GLC D-saccharide, alpha linking alpha-D-glucopyranose 'C6 H12 O6'
RY7 D-saccharide, alpha linking 4,6-dideoxy-4-{[(1S,2S,3S,4R,5R)-2,3,4-trihydroxy-5-(hydroxymethyl)cyclohexyl]amino}-alpha-D-glucopyranose 'C13 H25 N O8'
SR non-polymer 'STRONTIUM ION' 'Sr 2'
#
# COMPACT_ATOMS: atom_id res chain seq x y z
N GLN A 19 24.72 -9.09 -35.66
CA GLN A 19 23.27 -9.12 -35.66
C GLN A 19 22.72 -10.01 -34.55
N PHE A 20 23.56 -10.93 -34.07
CA PHE A 20 23.17 -11.88 -33.05
C PHE A 20 23.67 -11.54 -31.65
N ASP A 21 24.79 -10.81 -31.55
CA ASP A 21 25.32 -10.40 -30.26
C ASP A 21 24.58 -9.17 -29.74
N THR A 22 24.23 -9.20 -28.46
CA THR A 22 23.47 -8.10 -27.87
C THR A 22 24.30 -6.84 -27.70
N ASN A 23 25.63 -6.97 -27.67
CA ASN A 23 26.55 -5.86 -27.36
C ASN A 23 26.35 -5.35 -25.93
N TYR A 24 25.84 -6.21 -25.05
CA TYR A 24 25.76 -5.86 -23.63
C TYR A 24 27.14 -5.53 -23.08
N ALA A 25 27.17 -4.68 -22.06
CA ALA A 25 28.39 -4.47 -21.32
C ALA A 25 28.65 -5.64 -20.37
N SER A 26 29.86 -5.68 -19.82
CA SER A 26 30.29 -6.84 -19.04
C SER A 26 29.48 -6.99 -17.76
N GLY A 27 29.15 -8.23 -17.43
CA GLY A 27 28.53 -8.55 -16.15
C GLY A 27 27.07 -8.14 -16.00
N ARG A 28 26.37 -7.87 -17.10
CA ARG A 28 25.02 -7.37 -17.02
C ARG A 28 24.05 -8.27 -17.78
N SER A 29 22.78 -8.18 -17.39
CA SER A 29 21.73 -8.94 -18.04
C SER A 29 20.43 -8.17 -17.89
N GLY A 30 19.46 -8.50 -18.74
CA GLY A 30 18.14 -7.91 -18.65
C GLY A 30 17.96 -6.64 -19.47
N MET A 31 17.11 -6.73 -20.50
CA MET A 31 16.74 -5.56 -21.29
C MET A 31 15.34 -5.11 -20.87
N VAL A 32 15.24 -3.90 -20.36
CA VAL A 32 13.98 -3.39 -19.82
C VAL A 32 13.26 -2.60 -20.90
N HIS A 33 12.03 -2.99 -21.20
CA HIS A 33 11.19 -2.22 -22.10
C HIS A 33 10.58 -1.08 -21.28
N LEU A 34 11.20 0.10 -21.34
CA LEU A 34 10.66 1.30 -20.69
C LEU A 34 9.57 1.88 -21.58
N PHE A 35 8.44 1.18 -21.59
CA PHE A 35 7.32 1.43 -22.49
C PHE A 35 6.74 2.83 -22.29
N GLU A 36 6.85 3.66 -23.33
CA GLU A 36 6.31 5.02 -23.39
C GLU A 36 7.01 5.98 -22.45
N TRP A 37 8.20 5.64 -21.94
CA TRP A 37 8.95 6.56 -21.10
C TRP A 37 9.57 7.67 -21.96
N LYS A 38 9.71 8.85 -21.35
CA LYS A 38 10.40 9.95 -22.01
C LYS A 38 11.91 9.76 -21.92
N TRP A 39 12.64 10.36 -22.88
CA TRP A 39 14.08 10.15 -22.94
C TRP A 39 14.79 10.68 -21.70
N ASP A 40 14.37 11.85 -21.22
CA ASP A 40 14.99 12.41 -20.02
C ASP A 40 14.78 11.50 -18.81
N ASP A 41 13.62 10.86 -18.72
CA ASP A 41 13.35 9.98 -17.59
C ASP A 41 14.14 8.69 -17.68
N ILE A 42 14.36 8.18 -18.89
CA ILE A 42 15.18 7.00 -19.06
C ILE A 42 16.62 7.28 -18.68
N ALA A 43 17.15 8.42 -19.12
CA ALA A 43 18.53 8.77 -18.79
C ALA A 43 18.73 8.82 -17.28
N ALA A 44 17.79 9.45 -16.56
CA ALA A 44 17.86 9.45 -15.10
C ALA A 44 17.76 8.04 -14.54
N GLU A 45 16.85 7.22 -15.09
CA GLU A 45 16.67 5.86 -14.60
C GLU A 45 17.90 5.00 -14.85
N CYS A 46 18.61 5.26 -15.94
CA CYS A 46 19.87 4.56 -16.18
C CYS A 46 20.88 4.85 -15.06
N GLU A 47 20.97 6.11 -14.66
CA GLU A 47 21.97 6.50 -13.66
C GLU A 47 21.53 6.15 -12.25
N ASN A 48 20.24 6.27 -11.96
CA ASN A 48 19.75 6.06 -10.60
C ASN A 48 19.49 4.59 -10.29
N PHE A 49 19.11 3.81 -11.30
CA PHE A 49 18.64 2.46 -11.00
C PHE A 49 19.22 1.40 -11.93
N LEU A 50 19.01 1.53 -13.24
CA LEU A 50 19.38 0.47 -14.16
C LEU A 50 20.88 0.18 -14.11
N GLY A 51 21.71 1.22 -14.18
CA GLY A 51 23.13 1.07 -14.05
C GLY A 51 23.57 0.41 -12.75
N PRO A 52 23.22 1.03 -11.61
CA PRO A 52 23.66 0.48 -10.32
C PRO A 52 23.04 -0.85 -9.97
N ASN A 53 22.03 -1.34 -10.71
CA ASN A 53 21.42 -2.61 -10.37
C ASN A 53 21.73 -3.69 -11.40
N GLY A 54 22.73 -3.47 -12.25
CA GLY A 54 23.23 -4.52 -13.12
C GLY A 54 22.38 -4.85 -14.31
N TYR A 55 21.41 -4.01 -14.67
CA TYR A 55 20.65 -4.20 -15.90
C TYR A 55 21.55 -3.93 -17.11
N ALA A 56 21.17 -4.53 -18.24
CA ALA A 56 22.00 -4.52 -19.45
C ALA A 56 21.50 -3.59 -20.54
N GLY A 57 20.21 -3.32 -20.61
CA GLY A 57 19.75 -2.50 -21.72
C GLY A 57 18.37 -1.95 -21.48
N VAL A 58 17.97 -1.07 -22.41
CA VAL A 58 16.65 -0.47 -22.42
C VAL A 58 16.12 -0.55 -23.85
N GLN A 59 14.93 -1.14 -24.01
CA GLN A 59 14.18 -1.01 -25.25
C GLN A 59 13.30 0.22 -25.13
N VAL A 60 13.45 1.16 -26.06
CA VAL A 60 12.68 2.40 -26.06
C VAL A 60 11.52 2.25 -27.02
N SER A 61 10.45 3.02 -26.77
CA SER A 61 9.37 3.15 -27.73
C SER A 61 9.90 3.80 -29.01
N PRO A 62 9.18 3.68 -30.13
CA PRO A 62 9.65 4.27 -31.39
C PRO A 62 10.08 5.72 -31.21
N VAL A 63 11.28 6.04 -31.71
CA VAL A 63 11.86 7.36 -31.52
C VAL A 63 11.54 8.32 -32.65
N ASN A 64 10.90 7.85 -33.72
CA ASN A 64 10.59 8.69 -34.88
C ASN A 64 9.18 9.25 -34.78
N GLU A 65 8.97 10.36 -35.48
CA GLU A 65 7.69 11.07 -35.45
C GLU A 65 6.55 10.15 -35.89
N ASN A 66 5.45 10.20 -35.14
CA ASN A 66 4.28 9.36 -35.37
C ASN A 66 3.04 10.23 -35.49
N ALA A 67 1.93 9.60 -35.90
CA ALA A 67 0.68 10.31 -36.08
C ALA A 67 0.04 10.62 -34.73
N VAL A 68 -0.55 11.81 -34.63
CA VAL A 68 -1.31 12.20 -33.46
C VAL A 68 -2.74 11.67 -33.62
N LYS A 69 -3.17 10.83 -32.68
CA LYS A 69 -4.50 10.24 -32.73
C LYS A 69 -5.32 10.70 -31.53
N ASP A 70 -6.64 10.78 -31.73
CA ASP A 70 -7.54 11.22 -30.68
C ASP A 70 -7.32 10.41 -29.40
N SER A 71 -7.28 11.12 -28.27
CA SER A 71 -7.05 10.60 -26.93
C SER A 71 -5.63 10.08 -26.73
N ARG A 72 -4.75 10.23 -27.71
CA ARG A 72 -3.35 9.83 -27.63
C ARG A 72 -3.17 8.38 -27.14
N PRO A 73 -3.68 7.40 -27.88
CA PRO A 73 -3.49 6.00 -27.49
C PRO A 73 -2.02 5.61 -27.60
N TRP A 74 -1.64 4.57 -26.87
CA TRP A 74 -0.26 4.09 -26.93
C TRP A 74 0.10 3.71 -28.36
N TRP A 75 -0.84 3.12 -29.11
CA TRP A 75 -0.51 2.58 -30.42
C TRP A 75 -0.38 3.64 -31.50
N GLU A 76 -0.60 4.92 -31.18
CA GLU A 76 -0.35 5.95 -32.17
C GLU A 76 1.12 6.00 -32.57
N ARG A 77 2.02 5.55 -31.68
CA ARG A 77 3.44 5.56 -31.97
C ARG A 77 3.86 4.50 -32.99
N TYR A 78 2.97 3.60 -33.37
CA TYR A 78 3.27 2.64 -34.41
C TYR A 78 2.69 3.07 -35.76
N GLN A 79 2.44 4.36 -35.92
CA GLN A 79 1.95 4.93 -37.17
C GLN A 79 2.92 6.04 -37.57
N PRO A 80 4.01 5.69 -38.25
CA PRO A 80 5.05 6.69 -38.54
C PRO A 80 4.56 7.78 -39.47
N ILE A 81 5.01 9.00 -39.20
CA ILE A 81 4.78 10.14 -40.07
C ILE A 81 6.07 10.62 -40.72
N SER A 82 7.18 10.57 -39.98
CA SER A 82 8.49 10.87 -40.53
C SER A 82 9.52 10.06 -39.74
N TYR A 83 10.77 10.15 -40.17
CA TYR A 83 11.87 9.57 -39.41
C TYR A 83 12.61 10.62 -38.58
N LYS A 84 12.06 11.82 -38.45
CA LYS A 84 12.60 12.80 -37.52
C LYS A 84 12.35 12.32 -36.10
N LEU A 85 13.34 12.56 -35.23
CA LEU A 85 13.29 12.05 -33.85
C LEU A 85 12.54 13.04 -32.96
N GLU A 86 11.23 13.11 -33.18
CA GLU A 86 10.35 14.05 -32.48
C GLU A 86 9.10 13.31 -32.04
N THR A 87 9.03 12.95 -30.75
CA THR A 87 7.92 12.16 -30.21
C THR A 87 7.50 12.76 -28.89
N ARG A 88 6.46 12.15 -28.28
CA ARG A 88 6.08 12.53 -26.93
C ARG A 88 7.17 12.19 -25.91
N SER A 89 8.14 11.36 -26.29
CA SER A 89 9.25 11.04 -25.40
C SER A 89 10.35 12.10 -25.44
N GLY A 90 10.44 12.89 -26.50
CA GLY A 90 11.42 13.96 -26.57
C GLY A 90 11.88 14.17 -28.00
N ASN A 91 12.90 15.01 -28.14
CA ASN A 91 13.48 15.32 -29.44
C ASN A 91 14.82 14.59 -29.61
N GLU A 92 15.52 14.91 -30.70
CA GLU A 92 16.75 14.19 -31.02
C GLU A 92 17.86 14.48 -30.00
N GLU A 93 17.97 15.73 -29.56
CA GLU A 93 18.98 16.08 -28.57
C GLU A 93 18.73 15.33 -27.26
N GLN A 94 17.46 15.24 -26.84
CA GLN A 94 17.17 14.52 -25.61
C GLN A 94 17.43 13.02 -25.78
N PHE A 95 17.08 12.46 -26.93
CA PHE A 95 17.36 11.04 -27.18
C PHE A 95 18.85 10.78 -27.22
N ALA A 96 19.60 11.63 -27.93
CA ALA A 96 21.05 11.43 -28.02
C ALA A 96 21.70 11.53 -26.66
N SER A 97 21.27 12.48 -25.84
CA SER A 97 21.79 12.63 -24.49
C SER A 97 21.47 11.42 -23.63
N MET A 98 20.26 10.86 -23.79
CA MET A 98 19.90 9.67 -23.01
C MET A 98 20.77 8.48 -23.39
N VAL A 99 20.96 8.24 -24.69
CA VAL A 99 21.77 7.11 -25.13
C VAL A 99 23.19 7.23 -24.58
N LYS A 100 23.75 8.44 -24.61
CA LYS A 100 25.09 8.65 -24.08
C LYS A 100 25.14 8.41 -22.57
N ARG A 101 24.18 8.98 -21.84
CA ARG A 101 24.18 8.84 -20.39
C ARG A 101 23.95 7.40 -19.98
N CYS A 102 23.13 6.66 -20.73
CA CYS A 102 22.89 5.26 -20.42
C CYS A 102 24.10 4.40 -20.74
N ASN A 103 24.72 4.62 -21.91
CA ASN A 103 25.94 3.89 -22.25
C ASN A 103 27.04 4.13 -21.21
N ALA A 104 27.12 5.36 -20.69
CA ALA A 104 28.17 5.69 -19.73
C ALA A 104 28.05 4.91 -18.43
N VAL A 105 26.86 4.39 -18.10
CA VAL A 105 26.70 3.56 -16.92
C VAL A 105 26.53 2.10 -17.28
N GLY A 106 26.83 1.73 -18.52
CA GLY A 106 26.82 0.34 -18.94
C GLY A 106 25.50 -0.19 -19.44
N VAL A 107 24.54 0.68 -19.76
CA VAL A 107 23.20 0.27 -20.17
C VAL A 107 23.02 0.64 -21.64
N ARG A 108 22.73 -0.35 -22.47
CA ARG A 108 22.58 -0.18 -23.92
C ARG A 108 21.15 0.23 -24.28
N THR A 109 21.01 0.84 -25.46
CA THR A 109 19.71 1.27 -25.97
C THR A 109 19.35 0.46 -27.22
N TYR A 110 18.13 -0.05 -27.25
CA TYR A 110 17.59 -0.80 -28.37
C TYR A 110 16.31 -0.09 -28.81
N VAL A 111 16.26 0.27 -30.09
CA VAL A 111 15.19 1.11 -30.61
C VAL A 111 14.16 0.23 -31.31
N ASP A 112 12.91 0.39 -30.92
CA ASP A 112 11.74 -0.17 -31.61
C ASP A 112 11.58 0.58 -32.93
N VAL A 113 11.97 -0.06 -34.03
CA VAL A 113 11.95 0.59 -35.35
C VAL A 113 10.77 0.05 -36.14
N VAL A 114 10.02 0.95 -36.77
CA VAL A 114 8.77 0.65 -37.44
C VAL A 114 8.94 1.11 -38.89
N PHE A 115 9.29 0.18 -39.78
CA PHE A 115 9.41 0.54 -41.20
C PHE A 115 8.68 -0.46 -42.10
N ASN A 116 7.77 -1.25 -41.53
CA ASN A 116 6.85 -2.00 -42.38
C ASN A 116 5.81 -1.10 -42.99
N HIS A 117 5.54 0.05 -42.38
CA HIS A 117 4.37 0.83 -42.79
C HIS A 117 4.50 2.27 -42.32
N MET A 118 3.63 3.11 -42.87
CA MET A 118 3.43 4.48 -42.44
C MET A 118 2.02 4.59 -41.83
N ALA A 119 1.70 5.80 -41.37
CA ALA A 119 0.43 6.02 -40.68
C ALA A 119 -0.77 5.72 -41.59
N ALA A 120 -1.85 5.25 -40.97
CA ALA A 120 -3.08 4.91 -41.69
C ALA A 120 -3.94 6.15 -41.89
N ASP A 121 -5.07 5.97 -42.60
CA ASP A 121 -5.99 7.07 -42.88
C ASP A 121 -6.40 7.77 -41.59
N GLY A 122 -6.56 9.08 -41.68
CA GLY A 122 -6.86 9.91 -40.53
C GLY A 122 -5.65 10.51 -39.84
N GLY A 123 -4.47 9.94 -40.05
CA GLY A 123 -3.26 10.44 -39.42
C GLY A 123 -2.64 11.61 -40.15
N THR A 124 -3.20 12.81 -39.95
CA THR A 124 -2.76 13.97 -40.70
C THR A 124 -1.59 14.70 -40.06
N TYR A 125 -1.52 14.73 -38.73
CA TYR A 125 -0.53 15.51 -38.01
C TYR A 125 0.47 14.61 -37.30
N GLY A 126 1.74 15.03 -37.30
CA GLY A 126 2.79 14.27 -36.65
C GLY A 126 3.22 14.91 -35.34
N THR A 127 3.90 14.14 -34.50
CA THR A 127 4.35 14.61 -33.19
C THR A 127 5.48 15.62 -33.29
N GLY A 128 6.00 15.88 -34.48
CA GLY A 128 7.09 16.82 -34.64
C GLY A 128 6.77 17.95 -35.61
N GLY A 129 5.50 18.18 -35.89
CA GLY A 129 5.07 19.27 -36.74
C GLY A 129 4.85 18.89 -38.19
N SER A 130 5.37 17.75 -38.64
CA SER A 130 5.13 17.32 -40.00
C SER A 130 3.66 16.96 -40.21
N THR A 131 3.26 16.92 -41.47
CA THR A 131 1.94 16.45 -41.86
C THR A 131 2.09 15.31 -42.87
N ALA A 132 0.97 14.65 -43.17
CA ALA A 132 1.00 13.56 -44.12
C ALA A 132 -0.41 13.36 -44.68
N SER A 133 -0.46 12.74 -45.86
CA SER A 133 -1.73 12.41 -46.52
C SER A 133 -1.74 10.89 -46.73
N PRO A 134 -2.13 10.13 -45.71
CA PRO A 134 -2.18 8.66 -45.87
C PRO A 134 -3.19 8.22 -46.93
N SER A 135 -4.24 9.00 -47.18
CA SER A 135 -5.19 8.63 -48.21
C SER A 135 -4.54 8.61 -49.59
N SER A 136 -3.52 9.43 -49.81
CA SER A 136 -2.75 9.43 -51.04
C SER A 136 -1.37 8.80 -50.87
N LYS A 137 -1.08 8.26 -49.68
CA LYS A 137 0.22 7.65 -49.38
C LYS A 137 1.37 8.64 -49.60
N SER A 138 1.14 9.89 -49.21
CA SER A 138 2.14 10.96 -49.36
CA SER A 138 2.13 10.95 -49.36
C SER A 138 2.63 11.36 -47.97
N TYR A 139 3.92 11.18 -47.72
CA TYR A 139 4.54 11.49 -46.43
C TYR A 139 5.75 12.38 -46.69
N PRO A 140 5.54 13.70 -46.77
CA PRO A 140 6.63 14.60 -47.18
C PRO A 140 7.79 14.67 -46.19
N GLY A 141 7.64 14.13 -44.97
CA GLY A 141 8.76 14.17 -44.04
C GLY A 141 9.86 13.17 -44.33
N VAL A 142 9.51 12.00 -44.85
CA VAL A 142 10.44 10.92 -45.20
C VAL A 142 10.83 11.01 -46.66
N PRO A 143 10.59 12.13 -47.31
CA PRO A 143 10.08 12.07 -48.68
C PRO A 143 9.58 10.68 -49.08
N TYR A 144 8.32 10.37 -48.80
CA TYR A 144 7.66 9.16 -49.30
C TYR A 144 6.48 9.56 -50.18
N SER A 145 6.31 8.85 -51.29
CA SER A 145 5.15 9.00 -52.16
C SER A 145 4.54 7.63 -52.41
N SER A 146 3.38 7.62 -53.08
CA SER A 146 2.66 6.36 -53.30
C SER A 146 3.49 5.34 -54.08
N LEU A 147 4.48 5.79 -54.85
CA LEU A 147 5.35 4.86 -55.56
C LEU A 147 6.15 3.98 -54.61
N ASP A 148 6.31 4.40 -53.36
CA ASP A 148 7.13 3.68 -52.39
C ASP A 148 6.36 2.62 -51.62
N PHE A 149 5.10 2.39 -51.97
CA PHE A 149 4.25 1.46 -51.24
C PHE A 149 3.77 0.34 -52.14
N ASN A 150 3.34 -0.74 -51.50
CA ASN A 150 2.72 -1.84 -52.23
C ASN A 150 1.30 -1.45 -52.62
N PRO A 151 0.77 -2.04 -53.69
CA PRO A 151 -0.62 -1.78 -54.07
C PRO A 151 -1.56 -2.11 -52.91
N THR A 152 -2.59 -1.29 -52.76
CA THR A 152 -3.46 -1.35 -51.59
C THR A 152 -4.24 -2.65 -51.56
N CYS A 153 -4.08 -3.40 -50.47
CA CYS A 153 -4.90 -4.56 -50.15
C CYS A 153 -4.84 -4.75 -48.64
N ALA A 154 -5.75 -5.58 -48.13
CA ALA A 154 -5.89 -5.82 -46.70
C ALA A 154 -5.43 -7.23 -46.35
N ILE A 155 -4.83 -7.36 -45.16
CA ILE A 155 -4.43 -8.67 -44.64
C ILE A 155 -5.62 -9.30 -43.94
N SER A 156 -5.92 -10.55 -44.29
CA SER A 156 -6.99 -11.29 -43.63
C SER A 156 -6.57 -12.74 -43.41
N ASN A 157 -5.85 -13.30 -44.38
CA ASN A 157 -5.50 -14.71 -44.41
C ASN A 157 -4.01 -14.86 -44.05
N TYR A 158 -3.74 -15.29 -42.83
CA TYR A 158 -2.36 -15.53 -42.41
C TYR A 158 -1.80 -16.84 -42.92
N ASN A 159 -2.56 -17.59 -43.72
CA ASN A 159 -2.03 -18.75 -44.41
C ASN A 159 -1.50 -18.41 -45.80
N ASP A 160 -1.54 -17.14 -46.19
CA ASP A 160 -1.04 -16.66 -47.47
C ASP A 160 0.13 -15.72 -47.17
N ALA A 161 1.36 -16.21 -47.38
CA ALA A 161 2.53 -15.41 -47.05
C ALA A 161 2.61 -14.16 -47.91
N ASN A 162 2.17 -14.25 -49.17
CA ASN A 162 2.15 -13.07 -50.02
C ASN A 162 1.24 -11.99 -49.46
N GLU A 163 0.06 -12.38 -48.98
CA GLU A 163 -0.88 -11.39 -48.43
C GLU A 163 -0.35 -10.81 -47.12
N VAL A 164 0.27 -11.64 -46.28
CA VAL A 164 0.77 -11.17 -44.99
C VAL A 164 1.84 -10.10 -45.19
N ARG A 165 2.65 -10.23 -46.24
CA ARG A 165 3.77 -9.34 -46.43
C ARG A 165 3.49 -8.21 -47.41
N ASN A 166 2.56 -8.38 -48.35
CA ASN A 166 2.33 -7.35 -49.35
C ASN A 166 1.11 -6.49 -49.07
N CYS A 167 0.23 -6.91 -48.17
CA CYS A 167 -0.99 -6.16 -47.92
C CYS A 167 -0.89 -5.39 -46.61
N GLU A 168 -1.88 -4.54 -46.37
CA GLU A 168 -1.83 -3.60 -45.26
C GLU A 168 -2.24 -4.28 -43.97
N LEU A 169 -1.42 -4.11 -42.94
CA LEU A 169 -1.75 -4.53 -41.58
C LEU A 169 -2.66 -3.48 -40.95
N VAL A 170 -3.89 -3.87 -40.62
CA VAL A 170 -4.97 -3.03 -40.09
C VAL A 170 -4.93 -1.62 -40.70
N GLY A 171 -4.83 -1.54 -42.02
CA GLY A 171 -4.94 -0.28 -42.71
C GLY A 171 -3.69 0.57 -42.74
N LEU A 172 -2.57 0.08 -42.21
CA LEU A 172 -1.32 0.83 -42.26
C LEU A 172 -0.71 0.73 -43.65
N ARG A 173 -0.35 1.87 -44.23
CA ARG A 173 0.14 1.90 -45.61
C ARG A 173 1.44 1.11 -45.73
N ASP A 174 1.43 0.07 -46.57
CA ASP A 174 2.48 -0.94 -46.59
C ASP A 174 3.63 -0.49 -47.48
N LEU A 175 4.78 -0.21 -46.87
CA LEU A 175 5.97 0.17 -47.63
C LEU A 175 6.51 -1.00 -48.43
N ASN A 176 7.17 -0.69 -49.54
CA ASN A 176 7.78 -1.69 -50.42
C ASN A 176 9.29 -1.64 -50.21
N GLN A 177 9.78 -2.48 -49.29
CA GLN A 177 11.20 -2.56 -49.01
C GLN A 177 11.99 -3.21 -50.13
N GLY A 178 11.34 -3.67 -51.20
CA GLY A 178 12.05 -4.07 -52.39
C GLY A 178 12.53 -2.91 -53.25
N ASN A 179 11.95 -1.73 -53.06
CA ASN A 179 12.40 -0.53 -53.77
C ASN A 179 13.67 0.01 -53.12
N SER A 180 14.69 0.25 -53.95
CA SER A 180 15.98 0.69 -53.42
C SER A 180 15.88 2.04 -52.73
N TYR A 181 14.91 2.88 -53.13
CA TYR A 181 14.74 4.15 -52.43
C TYR A 181 14.24 3.94 -51.01
N VAL A 182 13.28 3.03 -50.82
CA VAL A 182 12.81 2.72 -49.48
C VAL A 182 13.94 2.11 -48.65
N GLN A 183 14.73 1.23 -49.26
CA GLN A 183 15.89 0.68 -48.57
C GLN A 183 16.84 1.79 -48.14
N ASP A 184 17.07 2.78 -49.02
CA ASP A 184 17.97 3.88 -48.68
C ASP A 184 17.43 4.68 -47.49
N LYS A 185 16.14 5.00 -47.51
CA LYS A 185 15.57 5.82 -46.44
C LYS A 185 15.60 5.07 -45.10
N VAL A 186 15.33 3.77 -45.12
CA VAL A 186 15.37 2.99 -43.89
C VAL A 186 16.81 2.88 -43.37
N VAL A 187 17.74 2.57 -44.27
CA VAL A 187 19.15 2.44 -43.88
C VAL A 187 19.68 3.76 -43.33
N GLU A 188 19.31 4.88 -43.97
CA GLU A 188 19.73 6.18 -43.46
C GLU A 188 19.21 6.42 -42.05
N PHE A 189 17.96 6.03 -41.79
CA PHE A 189 17.37 6.19 -40.47
C PHE A 189 18.10 5.33 -39.44
N LEU A 190 18.31 4.05 -39.76
CA LEU A 190 18.97 3.16 -38.80
C LEU A 190 20.42 3.56 -38.57
N ASP A 191 21.12 3.95 -39.63
CA ASP A 191 22.50 4.42 -39.50
C ASP A 191 22.56 5.65 -38.60
N HIS A 192 21.59 6.54 -38.73
CA HIS A 192 21.53 7.71 -37.87
C HIS A 192 21.41 7.32 -36.41
N LEU A 193 20.59 6.31 -36.12
CA LEU A 193 20.45 5.83 -34.75
C LEU A 193 21.76 5.21 -34.26
N ILE A 194 22.45 4.47 -35.15
CA ILE A 194 23.74 3.89 -34.78
C ILE A 194 24.75 4.99 -34.46
N ASP A 195 24.77 6.05 -35.27
CA ASP A 195 25.65 7.19 -34.99
C ASP A 195 25.39 7.77 -33.61
N LEU A 196 24.13 7.76 -33.16
CA LEU A 196 23.78 8.28 -31.84
C LEU A 196 24.12 7.32 -30.70
N GLY A 197 24.62 6.13 -31.01
CA GLY A 197 25.12 5.23 -29.99
C GLY A 197 24.23 4.06 -29.61
N VAL A 198 23.21 3.74 -30.41
CA VAL A 198 22.36 2.62 -30.04
C VAL A 198 23.10 1.31 -30.26
N ALA A 199 22.64 0.26 -29.57
CA ALA A 199 23.26 -1.05 -29.63
C ALA A 199 22.51 -2.02 -30.54
N GLY A 200 21.25 -1.75 -30.83
CA GLY A 200 20.48 -2.67 -31.65
C GLY A 200 19.07 -2.16 -31.88
N PHE A 201 18.26 -3.03 -32.47
CA PHE A 201 16.92 -2.66 -32.90
C PHE A 201 15.94 -3.79 -32.64
N ARG A 202 14.73 -3.41 -32.24
CA ARG A 202 13.59 -4.30 -32.22
C ARG A 202 12.78 -4.03 -33.48
N VAL A 203 12.81 -4.97 -34.43
CA VAL A 203 12.23 -4.75 -35.75
C VAL A 203 10.73 -5.03 -35.68
N ASP A 204 9.92 -3.98 -35.69
CA ASP A 204 8.47 -4.11 -35.62
C ASP A 204 7.93 -4.79 -36.87
N ALA A 205 6.99 -5.70 -36.67
CA ALA A 205 6.24 -6.36 -37.74
C ALA A 205 7.17 -7.00 -38.78
N ALA A 206 8.25 -7.60 -38.29
CA ALA A 206 9.20 -8.25 -39.20
C ALA A 206 8.54 -9.37 -39.99
N LYS A 207 7.53 -10.02 -39.41
CA LYS A 207 6.81 -11.08 -40.11
C LYS A 207 6.16 -10.55 -41.38
N HIS A 208 5.82 -9.27 -41.43
CA HIS A 208 5.13 -8.69 -42.55
C HIS A 208 6.07 -8.13 -43.62
N MET A 209 7.36 -8.42 -43.52
CA MET A 209 8.33 -7.97 -44.49
C MET A 209 9.10 -9.18 -45.00
N TRP A 210 9.65 -9.05 -46.21
CA TRP A 210 10.33 -10.18 -46.84
C TRP A 210 11.75 -10.32 -46.28
N PRO A 211 12.15 -11.51 -45.82
CA PRO A 211 13.51 -11.68 -45.30
C PRO A 211 14.60 -11.29 -46.30
N ALA A 212 14.34 -11.44 -47.60
CA ALA A 212 15.34 -11.05 -48.60
C ALA A 212 15.59 -9.56 -48.55
N ASP A 213 14.53 -8.76 -48.41
CA ASP A 213 14.70 -7.31 -48.31
C ASP A 213 15.32 -6.92 -46.97
N LEU A 214 14.93 -7.59 -45.89
CA LEU A 214 15.52 -7.29 -44.59
C LEU A 214 17.01 -7.61 -44.59
N ALA A 215 17.40 -8.68 -45.29
CA ALA A 215 18.82 -9.01 -45.39
C ALA A 215 19.62 -7.88 -46.03
N VAL A 216 19.04 -7.24 -47.07
CA VAL A 216 19.73 -6.12 -47.71
C VAL A 216 19.86 -4.95 -46.74
N ILE A 217 18.79 -4.65 -46.00
CA ILE A 217 18.81 -3.52 -45.08
C ILE A 217 19.79 -3.79 -43.94
N TYR A 218 19.74 -4.99 -43.35
CA TYR A 218 20.64 -5.32 -42.24
C TYR A 218 22.10 -5.26 -42.68
N GLY A 219 22.40 -5.81 -43.87
CA GLY A 219 23.77 -5.87 -44.33
C GLY A 219 24.38 -4.53 -44.68
N ARG A 220 23.56 -3.51 -44.89
CA ARG A 220 24.05 -2.18 -45.22
C ARG A 220 24.37 -1.33 -44.00
N LEU A 221 23.92 -1.73 -42.81
CA LEU A 221 24.11 -0.91 -41.62
C LEU A 221 25.58 -0.80 -41.27
N LYS A 222 25.98 0.39 -40.82
CA LYS A 222 27.35 0.63 -40.43
C LYS A 222 27.66 -0.04 -39.09
N ASN A 223 28.95 -0.10 -38.78
CA ASN A 223 29.39 -0.61 -37.49
C ASN A 223 28.95 0.32 -36.36
N LEU A 224 28.87 -0.24 -35.15
CA LEU A 224 28.45 0.53 -34.00
C LEU A 224 29.48 1.62 -33.66
N ASN A 225 29.01 2.68 -33.02
CA ASN A 225 29.85 3.82 -32.69
C ASN A 225 30.78 3.48 -31.53
N THR A 226 32.07 3.32 -31.82
CA THR A 226 33.04 2.95 -30.80
C THR A 226 33.20 4.03 -29.73
N ASP A 227 32.83 5.28 -30.04
CA ASP A 227 32.91 6.34 -29.03
C ASP A 227 31.98 6.07 -27.86
N HIS A 228 30.95 5.23 -28.04
CA HIS A 228 30.04 4.88 -26.96
C HIS A 228 30.44 3.61 -26.23
N GLY A 229 31.67 3.13 -26.44
CA GLY A 229 32.17 1.97 -25.73
C GLY A 229 32.03 0.64 -26.43
N PHE A 230 31.52 0.63 -27.65
CA PHE A 230 31.39 -0.62 -28.39
C PHE A 230 32.75 -1.02 -28.97
N ALA A 231 33.04 -2.31 -28.93
CA ALA A 231 34.27 -2.82 -29.51
C ALA A 231 34.29 -2.62 -31.02
N SER A 232 35.49 -2.49 -31.58
CA SER A 232 35.61 -2.35 -33.02
C SER A 232 35.05 -3.58 -33.71
N GLY A 233 34.37 -3.36 -34.83
CA GLY A 233 33.73 -4.45 -35.55
C GLY A 233 32.38 -4.87 -34.98
N SER A 234 31.87 -4.17 -33.99
CA SER A 234 30.55 -4.50 -33.45
C SER A 234 29.46 -4.13 -34.44
N LYS A 235 28.44 -4.98 -34.51
CA LYS A 235 27.29 -4.73 -35.38
C LYS A 235 26.03 -4.66 -34.54
N ALA A 236 24.99 -4.05 -35.12
CA ALA A 236 23.76 -3.81 -34.38
C ALA A 236 23.05 -5.12 -34.06
N TYR A 237 22.62 -5.27 -32.81
CA TYR A 237 21.81 -6.42 -32.41
C TYR A 237 20.44 -6.32 -33.08
N ILE A 238 20.00 -7.41 -33.70
CA ILE A 238 18.74 -7.43 -34.44
C ILE A 238 17.83 -8.45 -33.77
N VAL A 239 16.74 -7.98 -33.17
CA VAL A 239 15.68 -8.85 -32.68
C VAL A 239 14.41 -8.50 -33.45
N GLN A 240 13.81 -9.51 -34.08
CA GLN A 240 12.72 -9.31 -35.02
C GLN A 240 11.41 -9.80 -34.42
N GLU A 241 10.41 -8.93 -34.43
CA GLU A 241 9.09 -9.30 -33.92
C GLU A 241 8.41 -10.22 -34.92
N VAL A 242 8.44 -11.52 -34.64
CA VAL A 242 7.75 -12.53 -35.44
C VAL A 242 6.92 -13.37 -34.48
N ILE A 243 5.59 -13.26 -34.59
CA ILE A 243 4.68 -14.06 -33.78
C ILE A 243 4.49 -15.39 -34.50
N ASP A 244 5.06 -16.45 -33.93
CA ASP A 244 5.02 -17.80 -34.52
C ASP A 244 4.49 -18.76 -33.45
N MET A 245 3.17 -18.90 -33.41
CA MET A 245 2.49 -19.86 -32.55
C MET A 245 2.13 -21.14 -33.30
N GLY A 246 2.46 -21.23 -34.59
CA GLY A 246 2.10 -22.37 -35.40
C GLY A 246 0.80 -22.16 -36.16
N GLY A 247 0.61 -22.98 -37.19
CA GLY A 247 -0.62 -22.95 -37.96
C GLY A 247 -0.72 -21.85 -38.99
N GLU A 248 0.40 -21.22 -39.35
CA GLU A 248 0.40 -20.16 -40.34
C GLU A 248 1.44 -20.51 -41.40
N ALA A 249 1.51 -19.66 -42.43
CA ALA A 249 2.40 -19.91 -43.55
C ALA A 249 3.83 -19.46 -43.26
N ILE A 250 4.02 -18.48 -42.37
CA ILE A 250 5.34 -17.89 -42.12
C ILE A 250 5.88 -18.42 -40.80
N SER A 251 7.11 -18.94 -40.84
CA SER A 251 7.74 -19.51 -39.65
C SER A 251 8.90 -18.62 -39.19
N LYS A 252 9.16 -18.66 -37.88
CA LYS A 252 10.26 -17.88 -37.33
C LYS A 252 11.61 -18.31 -37.90
N SER A 253 11.72 -19.53 -38.41
CA SER A 253 12.96 -20.00 -39.01
C SER A 253 13.34 -19.22 -40.27
N GLU A 254 12.38 -18.50 -40.86
CA GLU A 254 12.70 -17.64 -42.00
C GLU A 254 13.47 -16.38 -41.57
N TYR A 255 13.59 -16.12 -40.27
CA TYR A 255 14.25 -14.93 -39.79
C TYR A 255 15.45 -15.19 -38.88
N THR A 256 15.55 -16.39 -38.29
CA THR A 256 16.62 -16.67 -37.34
C THR A 256 18.00 -16.71 -37.98
N GLY A 257 18.08 -16.67 -39.32
CA GLY A 257 19.36 -16.52 -39.99
C GLY A 257 19.82 -15.09 -40.15
N LEU A 258 18.94 -14.13 -39.94
CA LEU A 258 19.28 -12.71 -40.01
C LEU A 258 19.38 -12.04 -38.65
N GLY A 259 18.84 -12.64 -37.61
CA GLY A 259 18.90 -12.05 -36.29
C GLY A 259 18.08 -12.85 -35.33
N ALA A 260 17.99 -12.34 -34.11
CA ALA A 260 17.16 -12.98 -33.11
C ALA A 260 15.69 -12.76 -33.43
N ILE A 261 14.83 -13.55 -32.77
CA ILE A 261 13.39 -13.41 -32.91
C ILE A 261 12.77 -13.31 -31.53
N THR A 262 11.60 -12.68 -31.48
CA THR A 262 10.78 -12.64 -30.28
C THR A 262 10.08 -13.98 -30.11
N GLU A 263 10.46 -14.73 -29.08
CA GLU A 263 9.95 -16.09 -28.88
C GLU A 263 8.66 -16.02 -28.08
N PHE A 264 7.53 -15.89 -28.78
CA PHE A 264 6.25 -15.71 -28.09
C PHE A 264 5.73 -17.00 -27.47
N ARG A 265 6.23 -18.16 -27.87
CA ARG A 265 5.86 -19.41 -27.19
C ARG A 265 6.33 -19.39 -25.75
N HIS A 266 7.44 -18.72 -25.47
CA HIS A 266 7.92 -18.58 -24.10
C HIS A 266 6.90 -17.83 -23.26
N SER A 267 6.45 -16.67 -23.74
CA SER A 267 5.46 -15.89 -23.00
C SER A 267 4.19 -16.70 -22.78
N ASP A 268 3.72 -17.41 -23.81
CA ASP A 268 2.50 -18.18 -23.68
C ASP A 268 2.68 -19.36 -22.73
N SER A 269 3.76 -20.11 -22.89
CA SER A 269 3.96 -21.30 -22.06
C SER A 269 4.23 -20.92 -20.60
N ILE A 270 5.05 -19.89 -20.37
CA ILE A 270 5.38 -19.54 -18.99
C ILE A 270 4.14 -18.98 -18.29
N GLY A 271 3.22 -18.35 -19.03
CA GLY A 271 1.98 -17.90 -18.42
C GLY A 271 1.09 -19.07 -18.04
N LYS A 272 0.94 -20.04 -18.95
CA LYS A 272 0.13 -21.23 -18.65
C LYS A 272 0.70 -21.99 -17.46
N VAL A 273 2.03 -22.15 -17.43
CA VAL A 273 2.64 -22.96 -16.38
C VAL A 273 2.46 -22.30 -15.02
N PHE A 274 2.77 -21.01 -14.92
CA PHE A 274 2.73 -20.39 -13.60
C PHE A 274 1.33 -19.94 -13.20
N ARG A 275 0.36 -19.98 -14.11
CA ARG A 275 -1.04 -19.80 -13.72
C ARG A 275 -1.65 -21.07 -13.14
N GLY A 276 -0.98 -22.22 -13.28
CA GLY A 276 -1.54 -23.47 -12.82
C GLY A 276 -2.24 -24.28 -13.90
N LYS A 277 -2.25 -23.80 -15.14
CA LYS A 277 -2.80 -24.57 -16.24
C LYS A 277 -1.88 -25.68 -16.70
N ASP A 278 -0.63 -25.67 -16.24
CA ASP A 278 0.34 -26.72 -16.51
C ASP A 278 1.20 -26.86 -15.26
N GLN A 279 1.89 -28.00 -15.15
CA GLN A 279 2.64 -28.31 -13.94
C GLN A 279 4.09 -27.83 -14.04
N LEU A 280 4.61 -27.31 -12.93
CA LEU A 280 6.00 -26.86 -12.92
C LEU A 280 6.98 -28.01 -13.15
N GLN A 281 6.58 -29.24 -12.84
CA GLN A 281 7.49 -30.38 -13.00
C GLN A 281 7.94 -30.54 -14.45
N TYR A 282 7.13 -30.07 -15.42
CA TYR A 282 7.51 -30.17 -16.82
C TYR A 282 8.58 -29.16 -17.22
N LEU A 283 8.93 -28.20 -16.35
CA LEU A 283 9.95 -27.22 -16.69
C LEU A 283 11.35 -27.80 -16.75
N THR A 284 11.51 -29.11 -16.53
CA THR A 284 12.83 -29.70 -16.48
C THR A 284 13.55 -29.65 -17.83
N ASN A 285 12.82 -29.56 -18.95
CA ASN A 285 13.43 -29.44 -20.27
C ASN A 285 13.04 -28.14 -20.96
N TRP A 286 12.77 -27.09 -20.17
CA TRP A 286 12.51 -25.76 -20.70
C TRP A 286 13.53 -25.40 -21.78
N GLY A 287 13.03 -24.97 -22.92
CA GLY A 287 13.89 -24.65 -24.04
C GLY A 287 13.30 -25.09 -25.37
N THR A 288 14.16 -25.52 -26.30
CA THR A 288 13.68 -25.96 -27.61
C THR A 288 12.74 -27.15 -27.51
N ALA A 289 12.82 -27.92 -26.42
CA ALA A 289 11.87 -29.01 -26.21
C ALA A 289 10.45 -28.49 -26.00
N TRP A 290 10.29 -27.20 -25.69
CA TRP A 290 8.97 -26.58 -25.62
C TRP A 290 8.61 -25.85 -26.90
N GLY A 291 9.32 -26.13 -27.99
CA GLY A 291 9.05 -25.49 -29.27
C GLY A 291 9.75 -24.16 -29.49
N PHE A 292 10.61 -23.74 -28.59
CA PHE A 292 11.29 -22.46 -28.73
C PHE A 292 12.32 -22.53 -29.86
N ALA A 293 12.66 -21.35 -30.38
CA ALA A 293 13.82 -21.26 -31.26
C ALA A 293 15.09 -21.53 -30.46
N ALA A 294 16.23 -21.55 -31.16
CA ALA A 294 17.50 -21.77 -30.49
C ALA A 294 17.71 -20.73 -29.40
N SER A 295 18.44 -21.12 -28.35
CA SER A 295 18.66 -20.21 -27.22
C SER A 295 19.37 -18.94 -27.66
N ASP A 296 20.36 -19.06 -28.55
CA ASP A 296 21.11 -17.90 -29.00
C ASP A 296 20.40 -17.12 -30.10
N ARG A 297 19.13 -17.40 -30.35
CA ARG A 297 18.33 -16.65 -31.30
C ARG A 297 17.00 -16.18 -30.71
N SER A 298 16.81 -16.31 -29.40
CA SER A 298 15.50 -16.12 -28.77
C SER A 298 15.55 -14.99 -27.75
N LEU A 299 14.77 -13.95 -27.99
CA LEU A 299 14.46 -12.97 -26.95
C LEU A 299 13.22 -13.44 -26.21
N VAL A 300 13.34 -13.58 -24.89
CA VAL A 300 12.24 -14.12 -24.08
C VAL A 300 11.74 -13.05 -23.12
N PHE A 301 10.50 -13.24 -22.67
CA PHE A 301 9.83 -12.27 -21.82
C PHE A 301 8.59 -12.92 -21.25
N VAL A 302 8.15 -12.44 -20.08
CA VAL A 302 6.89 -12.92 -19.53
C VAL A 302 5.72 -12.32 -20.30
N ASP A 303 5.77 -11.01 -20.55
CA ASP A 303 4.78 -10.35 -21.39
C ASP A 303 5.47 -9.26 -22.18
N ASN A 304 4.80 -8.78 -23.23
CA ASN A 304 5.25 -7.64 -23.99
C ASN A 304 4.12 -6.62 -24.07
N HIS A 305 4.40 -5.47 -24.67
CA HIS A 305 3.42 -4.39 -24.68
C HIS A 305 2.15 -4.74 -25.44
N ASP A 306 2.22 -5.72 -26.34
CA ASP A 306 1.03 -6.17 -27.06
C ASP A 306 0.22 -7.15 -26.23
N ASN A 307 0.81 -8.30 -25.88
CA ASN A 307 -0.01 -9.37 -25.31
C ASN A 307 -0.37 -9.13 -23.85
N GLN A 308 0.30 -8.20 -23.16
CA GLN A 308 -0.22 -7.77 -21.86
C GLN A 308 -1.54 -7.05 -22.01
N ARG A 309 -1.89 -6.67 -23.23
CA ARG A 309 -3.04 -5.84 -23.55
C ARG A 309 -4.04 -6.56 -24.44
N GLY A 310 -3.88 -7.88 -24.62
CA GLY A 310 -4.74 -8.60 -25.54
C GLY A 310 -4.45 -8.34 -27.00
N HIS A 311 -3.43 -7.56 -27.33
CA HIS A 311 -3.03 -7.29 -28.69
C HIS A 311 -2.05 -8.34 -29.18
N GLY A 312 -1.80 -8.35 -30.49
CA GLY A 312 -0.85 -9.28 -31.06
C GLY A 312 -1.32 -10.71 -30.91
N ALA A 313 -0.50 -11.56 -30.27
CA ALA A 313 -0.93 -12.92 -30.02
C ALA A 313 -2.18 -12.95 -29.14
N GLY A 314 -2.23 -12.10 -28.12
CA GLY A 314 -3.44 -11.92 -27.34
C GLY A 314 -3.87 -13.11 -26.49
N GLY A 315 -2.92 -13.92 -26.03
CA GLY A 315 -3.27 -15.09 -25.24
C GLY A 315 -3.74 -14.69 -23.85
N ALA A 316 -4.87 -15.26 -23.41
CA ALA A 316 -5.40 -14.93 -22.10
C ALA A 316 -4.59 -15.55 -20.97
N ASP A 317 -3.71 -16.50 -21.26
CA ASP A 317 -2.87 -17.08 -20.23
C ASP A 317 -1.61 -16.26 -19.97
N VAL A 318 -1.38 -15.20 -20.74
CA VAL A 318 -0.21 -14.33 -20.50
C VAL A 318 -0.31 -13.73 -19.12
N LEU A 319 0.79 -13.79 -18.36
CA LEU A 319 0.86 -13.18 -17.04
C LEU A 319 1.34 -11.73 -17.16
N THR A 320 0.69 -10.85 -16.40
CA THR A 320 1.06 -9.43 -16.35
C THR A 320 1.21 -9.01 -14.90
N TYR A 321 1.58 -7.73 -14.70
CA TYR A 321 1.70 -7.17 -13.36
C TYR A 321 0.40 -7.26 -12.58
N LYS A 322 -0.74 -7.41 -13.27
CA LYS A 322 -2.03 -7.52 -12.62
C LYS A 322 -2.22 -8.85 -11.89
N VAL A 323 -1.37 -9.83 -12.14
CA VAL A 323 -1.34 -11.07 -11.38
C VAL A 323 0.01 -11.15 -10.69
N PRO A 324 0.25 -10.34 -9.66
CA PRO A 324 1.63 -10.06 -9.23
C PRO A 324 2.39 -11.29 -8.73
N LYS A 325 1.76 -12.12 -7.89
CA LYS A 325 2.49 -13.25 -7.30
C LYS A 325 3.02 -14.17 -8.38
N GLN A 326 2.16 -14.59 -9.31
CA GLN A 326 2.57 -15.51 -10.35
C GLN A 326 3.44 -14.82 -11.41
N TYR A 327 3.24 -13.51 -11.60
CA TYR A 327 4.11 -12.76 -12.51
C TYR A 327 5.55 -12.76 -12.01
N LYS A 328 5.73 -12.58 -10.69
CA LYS A 328 7.09 -12.57 -10.15
C LYS A 328 7.70 -13.96 -10.19
N MET A 329 6.90 -15.00 -9.96
CA MET A 329 7.42 -16.36 -10.04
C MET A 329 7.91 -16.67 -11.44
N ALA A 330 7.11 -16.32 -12.46
CA ALA A 330 7.53 -16.55 -13.84
C ALA A 330 8.75 -15.70 -14.19
N SER A 331 8.77 -14.43 -13.77
CA SER A 331 9.92 -13.57 -14.02
C SER A 331 11.17 -14.13 -13.34
N ALA A 332 11.03 -14.64 -12.12
CA ALA A 332 12.16 -15.23 -11.41
C ALA A 332 12.67 -16.47 -12.14
N PHE A 333 11.76 -17.30 -12.66
CA PHE A 333 12.19 -18.49 -13.38
C PHE A 333 12.94 -18.12 -14.65
N MET A 334 12.38 -17.21 -15.44
CA MET A 334 13.05 -16.68 -16.63
C MET A 334 14.46 -16.18 -16.29
N LEU A 335 14.55 -15.33 -15.28
CA LEU A 335 15.84 -14.72 -14.96
C LEU A 335 16.81 -15.72 -14.34
N ALA A 336 16.31 -16.81 -13.77
CA ALA A 336 17.19 -17.84 -13.25
C ALA A 336 17.59 -18.86 -14.31
N HIS A 337 16.85 -18.93 -15.43
CA HIS A 337 17.08 -19.96 -16.43
C HIS A 337 18.03 -19.48 -17.52
N PRO A 338 18.99 -20.33 -17.92
CA PRO A 338 19.99 -19.90 -18.91
C PRO A 338 19.45 -19.69 -20.32
N PHE A 339 18.23 -20.17 -20.61
CA PHE A 339 17.74 -20.08 -21.98
C PHE A 339 17.49 -18.63 -22.39
N GLY A 340 17.92 -18.30 -23.60
CA GLY A 340 17.51 -17.07 -24.26
C GLY A 340 18.10 -15.80 -23.66
N THR A 341 17.59 -14.67 -24.17
CA THR A 341 17.95 -13.34 -23.72
C THR A 341 16.72 -12.69 -23.10
N PRO A 342 16.65 -12.53 -21.78
CA PRO A 342 15.42 -12.04 -21.15
C PRO A 342 15.20 -10.55 -21.35
N ARG A 343 13.96 -10.19 -21.67
CA ARG A 343 13.51 -8.81 -21.69
C ARG A 343 12.47 -8.63 -20.59
N VAL A 344 12.66 -7.61 -19.77
CA VAL A 344 11.81 -7.35 -18.61
C VAL A 344 10.85 -6.24 -18.98
N MET A 345 9.56 -6.57 -19.03
CA MET A 345 8.54 -5.58 -19.31
C MET A 345 8.45 -4.54 -18.20
N SER A 346 8.19 -3.30 -18.57
CA SER A 346 7.94 -2.24 -17.61
C SER A 346 6.76 -1.42 -18.11
N SER A 347 5.69 -1.36 -17.33
CA SER A 347 4.40 -0.91 -17.83
C SER A 347 3.92 0.36 -17.14
N PHE A 348 2.93 0.98 -17.76
CA PHE A 348 2.06 1.93 -17.08
C PHE A 348 0.74 1.24 -16.79
N SER A 349 0.12 1.61 -15.67
CA SER A 349 -1.13 0.96 -15.28
C SER A 349 -2.23 1.30 -16.27
N PHE A 350 -3.08 0.31 -16.56
CA PHE A 350 -4.14 0.54 -17.53
C PHE A 350 -5.32 -0.37 -17.22
N THR A 351 -6.52 0.17 -17.41
CA THR A 351 -7.75 -0.59 -17.40
C THR A 351 -8.42 -0.62 -18.76
N ASP A 352 -7.85 0.08 -19.74
CA ASP A 352 -8.35 0.15 -21.11
C ASP A 352 -7.22 -0.21 -22.04
N THR A 353 -7.48 -1.10 -23.01
CA THR A 353 -6.43 -1.60 -23.87
C THR A 353 -5.99 -0.58 -24.93
N ASP A 354 -6.68 0.55 -25.06
CA ASP A 354 -6.25 1.61 -25.97
C ASP A 354 -5.53 2.75 -25.27
N GLN A 355 -5.74 2.93 -23.96
CA GLN A 355 -5.27 4.13 -23.28
C GLN A 355 -3.74 4.23 -23.37
N GLY A 356 -3.26 5.46 -23.49
CA GLY A 356 -1.85 5.72 -23.57
C GLY A 356 -1.23 5.93 -22.20
N PRO A 357 0.03 6.33 -22.18
CA PRO A 357 0.73 6.52 -20.91
C PRO A 357 0.07 7.63 -20.10
N PRO A 358 0.34 7.69 -18.79
CA PRO A 358 -0.22 8.79 -17.99
C PRO A 358 0.29 10.15 -18.46
N THR A 359 -0.58 11.14 -18.36
CA THR A 359 -0.25 12.49 -18.80
C THR A 359 -0.59 13.48 -17.70
N THR A 360 -0.01 14.68 -17.81
CA THR A 360 -0.37 15.78 -16.93
C THR A 360 -1.58 16.57 -17.41
N ASP A 361 -1.88 16.50 -18.71
CA ASP A 361 -2.94 17.34 -19.27
C ASP A 361 -3.68 16.65 -20.41
N GLY A 362 -3.63 15.33 -20.51
CA GLY A 362 -4.16 14.60 -21.64
C GLY A 362 -3.17 14.37 -22.76
N HIS A 363 -2.03 15.06 -22.76
CA HIS A 363 -1.09 14.95 -23.87
C HIS A 363 0.35 14.81 -23.40
N ASN A 364 0.82 15.73 -22.56
CA ASN A 364 2.20 15.70 -22.10
C ASN A 364 2.40 14.52 -21.15
N ILE A 365 3.30 13.60 -21.52
CA ILE A 365 3.51 12.40 -20.71
C ILE A 365 4.00 12.78 -19.33
N ALA A 366 3.40 12.18 -18.31
CA ALA A 366 3.73 12.46 -16.93
C ALA A 366 4.92 11.62 -16.48
N SER A 367 5.95 12.28 -15.97
CA SER A 367 7.13 11.57 -15.49
C SER A 367 6.76 10.69 -14.30
N PRO A 368 7.44 9.55 -14.15
CA PRO A 368 7.20 8.71 -12.97
C PRO A 368 7.63 9.40 -11.69
N ILE A 369 6.92 9.10 -10.61
CA ILE A 369 7.28 9.55 -9.27
C ILE A 369 7.57 8.31 -8.44
N PHE A 370 8.26 8.52 -7.31
CA PHE A 370 8.80 7.40 -6.54
C PHE A 370 8.41 7.51 -5.08
N ASN A 371 8.00 6.39 -4.50
CA ASN A 371 7.60 6.32 -3.10
C ASN A 371 8.83 6.20 -2.21
N SER A 372 8.60 6.20 -0.90
CA SER A 372 9.70 6.12 0.07
C SER A 372 10.51 4.85 -0.09
N ASP A 373 9.90 3.78 -0.57
CA ASP A 373 10.59 2.52 -0.79
C ASP A 373 11.15 2.39 -2.21
N ASN A 374 11.23 3.50 -2.94
CA ASN A 374 11.74 3.59 -4.30
C ASN A 374 10.88 2.83 -5.32
N SER A 375 9.65 2.47 -4.96
CA SER A 375 8.72 1.95 -5.94
C SER A 375 8.11 3.11 -6.73
N CYS A 376 7.48 2.77 -7.86
CA CYS A 376 6.93 3.78 -8.75
C CYS A 376 5.49 4.11 -8.40
N SER A 377 5.10 5.35 -8.70
CA SER A 377 3.71 5.78 -8.62
C SER A 377 3.46 6.73 -9.79
N GLY A 378 2.36 7.47 -9.71
CA GLY A 378 2.04 8.44 -10.75
C GLY A 378 1.59 7.83 -12.06
N GLY A 379 1.03 6.61 -12.03
CA GLY A 379 0.53 5.97 -13.22
C GLY A 379 1.43 4.92 -13.82
N TRP A 380 2.62 4.71 -13.25
CA TRP A 380 3.59 3.74 -13.77
C TRP A 380 3.73 2.57 -12.80
N VAL A 381 3.98 1.40 -13.35
CA VAL A 381 4.12 0.18 -12.55
C VAL A 381 5.58 -0.08 -12.19
N CYS A 382 6.48 0.10 -13.15
CA CYS A 382 7.91 -0.13 -12.99
C CYS A 382 8.19 -1.51 -12.39
N GLU A 383 7.81 -2.54 -13.15
CA GLU A 383 8.09 -3.91 -12.75
C GLU A 383 9.60 -4.13 -12.57
N HIS A 384 10.42 -3.42 -13.35
CA HIS A 384 11.87 -3.54 -13.22
C HIS A 384 12.37 -3.05 -11.87
N ARG A 385 11.56 -2.31 -11.13
CA ARG A 385 11.89 -1.84 -9.78
C ARG A 385 11.32 -2.74 -8.69
N TRP A 386 10.59 -3.80 -9.05
CA TRP A 386 10.16 -4.76 -8.05
C TRP A 386 11.37 -5.55 -7.56
N ARG A 387 11.53 -5.63 -6.24
CA ARG A 387 12.70 -6.30 -5.68
C ARG A 387 12.80 -7.74 -6.16
N GLN A 388 11.66 -8.43 -6.28
CA GLN A 388 11.67 -9.83 -6.73
C GLN A 388 12.21 -9.96 -8.15
N ILE A 389 12.18 -8.89 -8.94
CA ILE A 389 12.66 -8.91 -10.32
C ILE A 389 14.10 -8.40 -10.43
N TYR A 390 14.40 -7.23 -9.87
CA TYR A 390 15.76 -6.73 -10.06
C TYR A 390 16.78 -7.55 -9.26
N ASN A 391 16.38 -8.13 -8.13
CA ASN A 391 17.29 -9.02 -7.42
C ASN A 391 17.55 -10.31 -8.18
N MET A 392 16.58 -10.74 -9.01
CA MET A 392 16.78 -11.88 -9.90
C MET A 392 17.68 -11.52 -11.08
N VAL A 393 17.73 -10.24 -11.45
CA VAL A 393 18.77 -9.80 -12.39
C VAL A 393 20.14 -9.95 -11.75
N ALA A 394 20.26 -9.54 -10.48
CA ALA A 394 21.51 -9.74 -9.76
C ALA A 394 21.86 -11.22 -9.64
N PHE A 395 20.84 -12.07 -9.43
CA PHE A 395 21.04 -13.52 -9.46
C PHE A 395 21.63 -13.95 -10.79
N ARG A 396 20.98 -13.55 -11.89
CA ARG A 396 21.47 -13.91 -13.22
C ARG A 396 22.90 -13.45 -13.42
N ASN A 397 23.24 -12.24 -12.96
CA ASN A 397 24.59 -11.74 -13.11
C ASN A 397 25.59 -12.58 -12.30
N THR A 398 25.18 -13.08 -11.13
CA THR A 398 26.10 -13.81 -10.27
C THR A 398 26.42 -15.20 -10.81
N VAL A 399 25.48 -15.84 -11.49
CA VAL A 399 25.67 -17.24 -11.88
C VAL A 399 26.36 -17.39 -13.24
N GLY A 400 26.39 -16.34 -14.05
CA GLY A 400 27.12 -16.42 -15.31
C GLY A 400 26.55 -17.46 -16.25
N SER A 401 27.42 -18.31 -16.79
CA SER A 401 27.03 -19.35 -17.74
CA SER A 401 27.03 -19.35 -17.74
C SER A 401 26.94 -20.73 -17.10
N ASP A 402 26.86 -20.80 -15.77
CA ASP A 402 26.80 -22.10 -15.10
C ASP A 402 25.53 -22.85 -15.48
N GLU A 403 25.66 -24.16 -15.64
CA GLU A 403 24.53 -24.99 -16.07
C GLU A 403 23.62 -25.32 -14.88
N ILE A 404 22.40 -25.77 -15.22
CA ILE A 404 21.45 -26.18 -14.19
C ILE A 404 21.94 -27.47 -13.56
N GLN A 405 21.89 -27.54 -12.23
CA GLN A 405 22.19 -28.75 -11.49
C GLN A 405 21.18 -28.88 -10.37
N ASN A 406 21.20 -30.05 -9.71
CA ASN A 406 20.42 -30.29 -8.50
C ASN A 406 18.92 -30.08 -8.72
N TRP A 407 18.42 -30.47 -9.89
CA TRP A 407 16.99 -30.36 -10.16
C TRP A 407 16.20 -31.25 -9.21
N TRP A 408 15.16 -30.70 -8.61
CA TRP A 408 14.27 -31.45 -7.73
C TRP A 408 12.83 -31.02 -8.00
N ASP A 409 11.90 -31.96 -7.92
CA ASP A 409 10.49 -31.60 -7.98
C ASP A 409 9.67 -32.66 -7.24
N ASN A 410 8.44 -32.29 -6.90
CA ASN A 410 7.50 -33.18 -6.22
C ASN A 410 6.50 -33.79 -7.19
N GLY A 411 6.80 -33.79 -8.48
CA GLY A 411 5.87 -34.27 -9.50
C GLY A 411 4.71 -33.35 -9.79
N SER A 412 4.61 -32.21 -9.11
CA SER A 412 3.50 -31.30 -9.32
C SER A 412 4.01 -29.88 -9.55
N ASN A 413 3.90 -29.00 -8.54
CA ASN A 413 4.25 -27.60 -8.73
C ASN A 413 5.28 -27.10 -7.71
N GLN A 414 6.07 -28.00 -7.14
CA GLN A 414 7.17 -27.62 -6.26
C GLN A 414 8.45 -28.08 -6.93
N ILE A 415 9.32 -27.13 -7.27
CA ILE A 415 10.58 -27.42 -7.97
C ILE A 415 11.70 -26.60 -7.35
N SER A 416 12.93 -27.05 -7.60
CA SER A 416 14.11 -26.29 -7.19
C SER A 416 15.29 -26.75 -8.03
N PHE A 417 16.25 -25.85 -8.21
CA PHE A 417 17.48 -26.18 -8.93
C PHE A 417 18.51 -25.10 -8.64
N SER A 418 19.76 -25.43 -8.97
CA SER A 418 20.86 -24.49 -8.84
C SER A 418 21.42 -24.16 -10.22
N ARG A 419 22.12 -23.04 -10.28
CA ARG A 419 22.93 -22.68 -11.44
C ARG A 419 24.37 -22.90 -11.00
N GLY A 420 24.93 -24.05 -11.37
CA GLY A 420 26.24 -24.44 -10.87
C GLY A 420 26.25 -24.45 -9.35
N SER A 421 27.29 -23.88 -8.77
CA SER A 421 27.39 -23.72 -7.33
C SER A 421 27.27 -22.25 -6.94
N ARG A 422 26.58 -21.45 -7.74
CA ARG A 422 26.54 -20.01 -7.51
C ARG A 422 25.16 -19.46 -7.21
N GLY A 423 24.09 -20.15 -7.59
CA GLY A 423 22.74 -19.65 -7.31
C GLY A 423 21.79 -20.81 -7.17
N PHE A 424 20.78 -20.63 -6.34
CA PHE A 424 19.77 -21.66 -6.10
C PHE A 424 18.41 -20.99 -6.02
N VAL A 425 17.41 -21.63 -6.62
CA VAL A 425 16.06 -21.09 -6.65
C VAL A 425 15.08 -22.23 -6.39
N ALA A 426 13.97 -21.90 -5.72
CA ALA A 426 12.93 -22.86 -5.42
C ALA A 426 11.57 -22.19 -5.59
N PHE A 427 10.58 -22.98 -6.02
CA PHE A 427 9.24 -22.48 -6.32
C PHE A 427 8.18 -23.35 -5.67
N ASN A 428 7.08 -22.72 -5.27
CA ASN A 428 5.92 -23.48 -4.77
C ASN A 428 4.65 -22.90 -5.40
N ASN A 429 4.11 -23.61 -6.38
CA ASN A 429 2.82 -23.27 -6.96
C ASN A 429 1.74 -24.29 -6.62
N ASP A 430 1.98 -25.17 -5.66
CA ASP A 430 0.98 -26.10 -5.17
C ASP A 430 0.14 -25.46 -4.07
N ASN A 431 -1.04 -26.04 -3.84
CA ASN A 431 -1.95 -25.50 -2.83
C ASN A 431 -1.59 -25.93 -1.40
N TYR A 432 -0.39 -26.46 -1.19
CA TYR A 432 0.10 -26.79 0.14
C TYR A 432 1.52 -26.26 0.30
N ASP A 433 1.97 -26.20 1.55
CA ASP A 433 3.25 -25.58 1.86
C ASP A 433 4.41 -26.42 1.34
N LEU A 434 5.53 -25.74 1.11
CA LEU A 434 6.80 -26.38 0.81
C LEU A 434 7.68 -26.19 2.05
N ASN A 435 8.01 -27.30 2.73
CA ASN A 435 8.87 -27.29 3.91
C ASN A 435 9.80 -28.49 3.78
N SER A 436 10.88 -28.32 3.01
CA SER A 436 11.73 -29.44 2.67
C SER A 436 13.19 -29.04 2.81
N SER A 437 14.01 -30.01 3.20
CA SER A 437 15.45 -29.89 3.09
C SER A 437 15.85 -30.21 1.66
N LEU A 438 16.39 -29.23 0.94
CA LEU A 438 16.75 -29.38 -0.46
C LEU A 438 18.24 -29.15 -0.67
N GLN A 439 18.80 -29.84 -1.66
CA GLN A 439 20.18 -29.63 -2.05
C GLN A 439 20.29 -28.34 -2.86
N THR A 440 21.07 -27.39 -2.36
CA THR A 440 21.24 -26.10 -3.02
C THR A 440 22.46 -26.03 -3.94
N GLY A 441 23.41 -26.95 -3.78
CA GLY A 441 24.65 -26.90 -4.52
C GLY A 441 25.58 -25.76 -4.16
N LEU A 442 25.22 -24.93 -3.17
CA LEU A 442 25.98 -23.73 -2.81
C LEU A 442 26.95 -24.01 -1.68
N PRO A 443 28.00 -23.20 -1.54
CA PRO A 443 28.89 -23.35 -0.38
C PRO A 443 28.13 -23.13 0.92
N ALA A 444 28.56 -23.86 1.95
CA ALA A 444 27.92 -23.74 3.26
C ALA A 444 28.00 -22.31 3.78
N GLY A 445 26.94 -21.87 4.44
CA GLY A 445 26.91 -20.54 5.00
C GLY A 445 25.49 -20.03 5.15
N THR A 446 25.37 -18.72 5.32
CA THR A 446 24.10 -18.05 5.56
C THR A 446 23.81 -17.12 4.40
N TYR A 447 22.69 -17.33 3.72
CA TYR A 447 22.34 -16.57 2.54
C TYR A 447 21.06 -15.77 2.76
N CYS A 448 21.00 -14.61 2.11
CA CYS A 448 19.79 -13.79 2.11
C CYS A 448 18.91 -14.21 0.94
N ASP A 449 17.66 -14.56 1.24
CA ASP A 449 16.67 -14.78 0.20
C ASP A 449 16.43 -13.45 -0.52
N VAL A 450 16.83 -13.38 -1.80
CA VAL A 450 16.73 -12.12 -2.55
C VAL A 450 15.32 -11.85 -3.05
N ILE A 451 14.39 -12.78 -2.89
CA ILE A 451 13.00 -12.52 -3.22
C ILE A 451 12.34 -11.68 -2.14
N SER A 452 12.45 -12.12 -0.88
CA SER A 452 11.82 -11.42 0.23
C SER A 452 12.67 -10.28 0.77
N GLY A 453 13.94 -10.19 0.39
CA GLY A 453 14.77 -9.11 0.91
C GLY A 453 16.06 -8.98 0.16
N SER A 454 17.04 -8.38 0.82
CA SER A 454 18.36 -8.23 0.23
C SER A 454 19.39 -8.37 1.33
N LYS A 455 20.63 -8.56 0.93
CA LYS A 455 21.74 -8.45 1.86
C LYS A 455 22.01 -6.99 2.16
N SER A 456 22.15 -6.66 3.44
CA SER A 456 22.45 -5.30 3.87
C SER A 456 23.47 -5.38 4.99
N GLY A 457 24.70 -4.95 4.72
CA GLY A 457 25.77 -5.11 5.68
C GLY A 457 26.01 -6.58 5.92
N SER A 458 25.90 -7.00 7.18
CA SER A 458 26.11 -8.38 7.58
C SER A 458 24.79 -9.07 7.97
N SER A 459 23.67 -8.63 7.41
CA SER A 459 22.39 -9.20 7.77
C SER A 459 21.49 -9.21 6.54
N CYS A 460 20.33 -9.85 6.68
CA CYS A 460 19.34 -9.94 5.62
C CYS A 460 18.09 -9.17 6.01
N THR A 461 17.50 -8.47 5.04
CA THR A 461 16.28 -7.73 5.30
C THR A 461 15.03 -8.58 5.20
N GLY A 462 15.11 -9.73 4.52
CA GLY A 462 13.99 -10.66 4.45
C GLY A 462 14.35 -11.99 5.07
N LYS A 463 13.93 -13.09 4.43
CA LYS A 463 14.22 -14.42 4.95
C LYS A 463 15.70 -14.75 4.80
N THR A 464 16.18 -15.60 5.71
CA THR A 464 17.56 -16.10 5.70
C THR A 464 17.55 -17.59 5.42
N VAL A 465 18.52 -18.04 4.62
CA VAL A 465 18.66 -19.45 4.27
C VAL A 465 20.02 -19.93 4.77
N THR A 466 20.03 -21.01 5.53
CA THR A 466 21.25 -21.56 6.06
C THR A 466 21.60 -22.85 5.31
N VAL A 467 22.73 -22.83 4.63
CA VAL A 467 23.21 -23.98 3.87
C VAL A 467 24.23 -24.73 4.73
N GLY A 468 23.95 -26.00 5.00
CA GLY A 468 24.83 -26.82 5.79
C GLY A 468 26.04 -27.30 5.01
N SER A 469 26.89 -28.06 5.70
CA SER A 469 28.12 -28.57 5.10
C SER A 469 27.84 -29.55 3.98
N ASP A 470 26.66 -30.16 3.94
CA ASP A 470 26.30 -31.08 2.87
C ASP A 470 25.60 -30.39 1.70
N GLY A 471 25.49 -29.06 1.74
CA GLY A 471 24.82 -28.32 0.69
C GLY A 471 23.31 -28.24 0.83
N ARG A 472 22.74 -28.91 1.83
CA ARG A 472 21.30 -28.89 2.00
C ARG A 472 20.88 -27.71 2.87
N ALA A 473 19.66 -27.22 2.64
CA ALA A 473 19.12 -26.10 3.38
C ALA A 473 17.62 -26.29 3.57
N SER A 474 17.11 -25.79 4.70
CA SER A 474 15.68 -25.83 4.97
C SER A 474 15.01 -24.73 4.16
N ILE A 475 14.19 -25.13 3.18
CA ILE A 475 13.50 -24.22 2.28
C ILE A 475 12.01 -24.22 2.62
N ASN A 476 11.48 -23.05 2.95
CA ASN A 476 10.09 -22.92 3.39
C ASN A 476 9.39 -21.87 2.53
N ILE A 477 8.42 -22.30 1.74
CA ILE A 477 7.57 -21.40 0.94
C ILE A 477 6.13 -21.83 1.19
N GLY A 478 5.41 -21.07 2.01
CA GLY A 478 4.00 -21.34 2.23
C GLY A 478 3.18 -21.01 0.99
N SER A 479 2.17 -21.85 0.72
CA SER A 479 1.34 -21.66 -0.46
C SER A 479 0.54 -20.36 -0.41
N SER A 480 0.35 -19.78 0.77
CA SER A 480 -0.40 -18.54 0.93
C SER A 480 0.51 -17.34 1.15
N GLU A 481 1.81 -17.49 0.99
CA GLU A 481 2.70 -16.35 1.13
C GLU A 481 2.56 -15.43 -0.09
N ASP A 482 2.99 -14.17 0.10
CA ASP A 482 2.89 -13.20 -0.97
C ASP A 482 3.74 -13.58 -2.17
N ASP A 483 4.87 -14.21 -1.94
CA ASP A 483 5.73 -14.68 -3.01
C ASP A 483 5.82 -16.19 -2.97
N GLY A 484 5.92 -16.79 -4.15
CA GLY A 484 6.00 -18.24 -4.25
C GLY A 484 7.34 -18.71 -4.78
N VAL A 485 8.38 -17.91 -4.59
CA VAL A 485 9.72 -18.23 -5.09
C VAL A 485 10.73 -17.79 -4.03
N LEU A 486 11.80 -18.58 -3.89
CA LEU A 486 12.92 -18.25 -3.03
C LEU A 486 14.19 -18.38 -3.85
N ALA A 487 15.14 -17.46 -3.63
CA ALA A 487 16.36 -17.45 -4.41
C ALA A 487 17.53 -16.98 -3.56
N ILE A 488 18.65 -17.68 -3.68
CA ILE A 488 19.88 -17.30 -2.99
C ILE A 488 21.04 -17.45 -3.96
N HIS A 489 22.08 -16.64 -3.75
CA HIS A 489 23.24 -16.70 -4.62
C HIS A 489 24.46 -16.17 -3.88
N VAL A 490 25.64 -16.46 -4.43
CA VAL A 490 26.90 -16.21 -3.72
C VAL A 490 27.22 -14.73 -3.60
N ASN A 491 26.58 -13.87 -4.38
CA ASN A 491 26.79 -12.43 -4.26
C ASN A 491 25.84 -11.79 -3.27
N ALA A 492 25.08 -12.59 -2.53
CA ALA A 492 24.26 -12.11 -1.43
C ALA A 492 24.40 -13.06 -0.25
N LYS A 493 25.65 -13.39 0.07
CA LYS A 493 26.00 -14.32 1.12
C LYS A 493 26.58 -13.56 2.31
N LEU A 494 26.12 -13.90 3.51
CA LEU A 494 26.61 -13.25 4.72
C LEU A 494 28.02 -13.76 5.06
N GLN B 19 -2.75 -8.46 26.44
CA GLN B 19 -2.80 -7.16 27.09
C GLN B 19 -2.54 -6.01 26.11
N PHE B 20 -1.88 -6.33 25.00
CA PHE B 20 -1.53 -5.34 23.99
C PHE B 20 -2.43 -5.38 22.76
N ASP B 21 -3.00 -6.54 22.45
CA ASP B 21 -3.92 -6.66 21.33
C ASP B 21 -5.30 -6.16 21.73
N THR B 22 -5.93 -5.38 20.85
CA THR B 22 -7.26 -4.83 21.14
C THR B 22 -8.35 -5.90 21.10
N ASN B 23 -8.11 -7.00 20.41
CA ASN B 23 -9.13 -8.03 20.14
C ASN B 23 -10.27 -7.50 19.28
N TYR B 24 -10.00 -6.46 18.47
CA TYR B 24 -10.98 -5.99 17.50
C TYR B 24 -11.38 -7.11 16.54
N ALA B 25 -12.60 -7.03 16.03
CA ALA B 25 -13.00 -7.91 14.94
C ALA B 25 -12.38 -7.42 13.63
N SER B 26 -12.46 -8.26 12.60
CA SER B 26 -11.73 -7.99 11.36
C SER B 26 -12.28 -6.76 10.64
N GLY B 27 -11.35 -5.98 10.09
CA GLY B 27 -11.70 -4.85 9.24
C GLY B 27 -12.31 -3.64 9.91
N ARG B 28 -12.16 -3.52 11.23
CA ARG B 28 -12.81 -2.45 11.97
C ARG B 28 -11.77 -1.61 12.72
N SER B 29 -12.17 -0.39 13.04
CA SER B 29 -11.30 0.52 13.78
C SER B 29 -12.17 1.51 14.55
N GLY B 30 -11.57 2.14 15.55
CA GLY B 30 -12.27 3.17 16.29
C GLY B 30 -13.01 2.66 17.51
N MET B 31 -12.55 3.07 18.70
CA MET B 31 -13.21 2.78 19.96
C MET B 31 -14.00 4.01 20.38
N VAL B 32 -15.32 3.87 20.51
CA VAL B 32 -16.16 5.02 20.85
C VAL B 32 -16.40 5.02 22.34
N HIS B 33 -16.07 6.13 22.99
CA HIS B 33 -16.42 6.33 24.38
C HIS B 33 -17.86 6.82 24.45
N LEU B 34 -18.80 5.89 24.67
CA LEU B 34 -20.21 6.23 24.83
C LEU B 34 -20.44 6.69 26.27
N PHE B 35 -19.93 7.90 26.54
CA PHE B 35 -19.86 8.47 27.88
C PHE B 35 -21.24 8.60 28.51
N GLU B 36 -21.46 7.87 29.61
CA GLU B 36 -22.68 7.90 30.42
C GLU B 36 -23.89 7.31 29.69
N TRP B 37 -23.69 6.57 28.61
CA TRP B 37 -24.81 5.94 27.93
C TRP B 37 -25.33 4.75 28.73
N LYS B 38 -26.63 4.50 28.61
CA LYS B 38 -27.23 3.32 29.24
C LYS B 38 -26.95 2.08 28.41
N TRP B 39 -26.94 0.92 29.08
CA TRP B 39 -26.56 -0.32 28.38
C TRP B 39 -27.53 -0.66 27.26
N ASP B 40 -28.83 -0.48 27.50
CA ASP B 40 -29.81 -0.76 26.44
C ASP B 40 -29.58 0.14 25.23
N ASP B 41 -29.18 1.39 25.47
CA ASP B 41 -28.97 2.32 24.36
C ASP B 41 -27.70 1.99 23.60
N ILE B 42 -26.67 1.49 24.29
CA ILE B 42 -25.46 1.08 23.59
C ILE B 42 -25.73 -0.14 22.72
N ALA B 43 -26.47 -1.11 23.26
CA ALA B 43 -26.79 -2.30 22.48
C ALA B 43 -27.53 -1.93 21.20
N ALA B 44 -28.52 -1.03 21.31
CA ALA B 44 -29.21 -0.56 20.11
C ALA B 44 -28.26 0.17 19.17
N GLU B 45 -27.38 1.01 19.73
CA GLU B 45 -26.44 1.76 18.90
C GLU B 45 -25.44 0.85 18.20
N CYS B 46 -25.07 -0.27 18.83
CA CYS B 46 -24.19 -1.23 18.17
C CYS B 46 -24.85 -1.78 16.90
N GLU B 47 -26.14 -2.13 16.99
CA GLU B 47 -26.81 -2.75 15.85
C GLU B 47 -27.23 -1.71 14.82
N ASN B 48 -27.63 -0.52 15.25
CA ASN B 48 -28.14 0.47 14.30
C ASN B 48 -27.02 1.27 13.64
N PHE B 49 -25.89 1.46 14.33
CA PHE B 49 -24.88 2.39 13.81
C PHE B 49 -23.46 1.86 13.86
N LEU B 50 -22.96 1.51 15.05
CA LEU B 50 -21.56 1.17 15.20
C LEU B 50 -21.19 -0.05 14.37
N GLY B 51 -22.01 -1.10 14.44
CA GLY B 51 -21.80 -2.28 13.63
C GLY B 51 -21.78 -1.99 12.14
N PRO B 52 -22.88 -1.44 11.60
CA PRO B 52 -22.94 -1.20 10.16
C PRO B 52 -22.00 -0.11 9.67
N ASN B 53 -21.36 0.66 10.54
CA ASN B 53 -20.46 1.72 10.10
C ASN B 53 -18.99 1.39 10.38
N GLY B 54 -18.70 0.13 10.66
CA GLY B 54 -17.33 -0.34 10.74
C GLY B 54 -16.58 0.04 12.00
N TYR B 55 -17.26 0.53 13.03
CA TYR B 55 -16.59 0.82 14.28
C TYR B 55 -16.16 -0.48 14.96
N ALA B 56 -15.13 -0.38 15.81
CA ALA B 56 -14.50 -1.56 16.38
C ALA B 56 -14.87 -1.81 17.85
N GLY B 57 -15.20 -0.78 18.61
CA GLY B 57 -15.44 -1.03 20.01
C GLY B 57 -16.17 0.12 20.68
N VAL B 58 -16.54 -0.12 21.93
CA VAL B 58 -17.19 0.86 22.79
C VAL B 58 -16.51 0.83 24.14
N GLN B 59 -16.07 1.99 24.61
CA GLN B 59 -15.67 2.15 26.00
C GLN B 59 -16.90 2.59 26.80
N VAL B 60 -17.24 1.82 27.83
CA VAL B 60 -18.41 2.12 28.64
C VAL B 60 -17.99 2.83 29.91
N SER B 61 -18.90 3.63 30.48
CA SER B 61 -18.71 4.19 31.80
C SER B 61 -18.61 3.06 32.82
N PRO B 62 -18.06 3.33 34.00
CA PRO B 62 -17.94 2.28 35.01
C PRO B 62 -19.23 1.51 35.24
N VAL B 63 -19.12 0.18 35.21
CA VAL B 63 -20.30 -0.68 35.28
C VAL B 63 -20.64 -1.10 36.71
N ASN B 64 -19.79 -0.80 37.68
CA ASN B 64 -20.00 -1.19 39.06
C ASN B 64 -20.69 -0.08 39.84
N GLU B 65 -21.35 -0.49 40.92
CA GLU B 65 -22.12 0.43 41.75
C GLU B 65 -21.23 1.54 42.31
N ASN B 66 -21.74 2.77 42.24
CA ASN B 66 -21.02 3.96 42.70
C ASN B 66 -21.88 4.71 43.71
N ALA B 67 -21.26 5.71 44.34
CA ALA B 67 -21.94 6.53 45.33
C ALA B 67 -22.91 7.49 44.66
N VAL B 68 -24.07 7.67 45.28
CA VAL B 68 -25.03 8.66 44.83
C VAL B 68 -24.64 10.01 45.41
N LYS B 69 -24.39 10.99 44.53
CA LYS B 69 -23.98 12.32 44.94
C LYS B 69 -25.04 13.34 44.53
N ASP B 70 -25.16 14.39 45.34
CA ASP B 70 -26.14 15.44 45.08
C ASP B 70 -26.00 15.99 43.67
N SER B 71 -27.13 16.16 43.00
CA SER B 71 -27.27 16.66 41.63
C SER B 71 -26.77 15.66 40.59
N ARG B 72 -26.35 14.46 41.00
CA ARG B 72 -25.91 13.39 40.12
C ARG B 72 -24.85 13.86 39.11
N PRO B 73 -23.69 14.31 39.58
CA PRO B 73 -22.63 14.71 38.66
C PRO B 73 -22.11 13.50 37.90
N TRP B 74 -21.51 13.76 36.74
CA TRP B 74 -20.94 12.67 35.97
C TRP B 74 -19.90 11.91 36.79
N TRP B 75 -19.11 12.63 37.59
CA TRP B 75 -17.98 12.01 38.27
C TRP B 75 -18.37 11.18 39.49
N GLU B 76 -19.66 11.10 39.84
CA GLU B 76 -20.05 10.19 40.92
C GLU B 76 -19.75 8.75 40.57
N ARG B 77 -19.67 8.42 39.27
CA ARG B 77 -19.39 7.05 38.87
C ARG B 77 -17.94 6.65 39.12
N TYR B 78 -17.08 7.59 39.50
CA TYR B 78 -15.70 7.28 39.85
C TYR B 78 -15.50 7.20 41.35
N GLN B 79 -16.58 6.95 42.09
CA GLN B 79 -16.56 6.74 43.53
C GLN B 79 -17.22 5.40 43.82
N PRO B 80 -16.47 4.31 43.70
CA PRO B 80 -17.08 2.97 43.84
C PRO B 80 -17.63 2.71 45.23
N ILE B 81 -18.75 2.00 45.27
CA ILE B 81 -19.34 1.52 46.52
C ILE B 81 -19.30 0.00 46.60
N SER B 82 -19.51 -0.68 45.48
CA SER B 82 -19.37 -2.13 45.40
C SER B 82 -18.97 -2.49 43.96
N TYR B 83 -18.72 -3.77 43.73
CA TYR B 83 -18.49 -4.28 42.38
C TYR B 83 -19.72 -4.92 41.77
N LYS B 84 -20.89 -4.76 42.41
CA LYS B 84 -22.13 -5.18 41.79
C LYS B 84 -22.44 -4.31 40.58
N LEU B 85 -22.99 -4.92 39.53
CA LEU B 85 -23.21 -4.22 38.26
C LEU B 85 -24.59 -3.54 38.27
N GLU B 86 -24.68 -2.48 39.08
CA GLU B 86 -25.92 -1.74 39.28
C GLU B 86 -25.59 -0.25 39.22
N THR B 87 -25.89 0.39 38.09
CA THR B 87 -25.56 1.80 37.86
C THR B 87 -26.75 2.50 37.21
N ARG B 88 -26.59 3.81 36.96
CA ARG B 88 -27.59 4.53 36.18
C ARG B 88 -27.67 4.04 34.75
N SER B 89 -26.66 3.30 34.29
CA SER B 89 -26.68 2.74 32.95
C SER B 89 -27.48 1.44 32.86
N GLY B 90 -27.67 0.73 33.96
CA GLY B 90 -28.46 -0.48 33.96
C GLY B 90 -27.93 -1.46 34.98
N ASN B 91 -28.49 -2.68 34.93
CA ASN B 91 -28.09 -3.75 35.82
C ASN B 91 -27.24 -4.76 35.06
N GLU B 92 -26.92 -5.89 35.71
CA GLU B 92 -26.00 -6.85 35.12
C GLU B 92 -26.62 -7.53 33.90
N GLU B 93 -27.91 -7.87 33.97
CA GLU B 93 -28.56 -8.50 32.84
C GLU B 93 -28.56 -7.59 31.62
N GLN B 94 -28.82 -6.29 31.84
CA GLN B 94 -28.79 -5.35 30.72
C GLN B 94 -27.38 -5.18 30.18
N PHE B 95 -26.38 -5.15 31.07
CA PHE B 95 -25.00 -5.05 30.62
C PHE B 95 -24.59 -6.30 29.84
N ALA B 96 -24.91 -7.48 30.38
CA ALA B 96 -24.54 -8.73 29.70
C ALA B 96 -25.20 -8.83 28.33
N SER B 97 -26.47 -8.43 28.24
CA SER B 97 -27.17 -8.46 26.96
C SER B 97 -26.54 -7.48 25.97
N MET B 98 -26.12 -6.32 26.46
CA MET B 98 -25.48 -5.32 25.60
C MET B 98 -24.16 -5.85 25.05
N VAL B 99 -23.34 -6.44 25.91
CA VAL B 99 -22.05 -6.97 25.45
C VAL B 99 -22.27 -8.04 24.38
N LYS B 100 -23.26 -8.91 24.59
CA LYS B 100 -23.54 -9.95 23.61
C LYS B 100 -24.03 -9.36 22.30
N ARG B 101 -24.98 -8.43 22.37
CA ARG B 101 -25.53 -7.86 21.14
C ARG B 101 -24.47 -7.08 20.37
N CYS B 102 -23.57 -6.39 21.09
CA CYS B 102 -22.51 -5.64 20.41
C CYS B 102 -21.49 -6.59 19.79
N ASN B 103 -21.08 -7.62 20.52
CA ASN B 103 -20.15 -8.62 19.98
C ASN B 103 -20.74 -9.27 18.74
N ALA B 104 -22.06 -9.49 18.73
CA ALA B 104 -22.72 -10.16 17.60
C ALA B 104 -22.62 -9.36 16.31
N VAL B 105 -22.42 -8.05 16.40
CA VAL B 105 -22.27 -7.22 15.21
C VAL B 105 -20.82 -6.77 15.03
N GLY B 106 -19.88 -7.37 15.76
CA GLY B 106 -18.47 -7.10 15.58
C GLY B 106 -17.91 -5.96 16.40
N VAL B 107 -18.63 -5.49 17.42
CA VAL B 107 -18.22 -4.35 18.23
C VAL B 107 -17.87 -4.85 19.63
N ARG B 108 -16.63 -4.60 20.06
CA ARG B 108 -16.13 -5.04 21.36
C ARG B 108 -16.48 -4.03 22.45
N THR B 109 -16.48 -4.50 23.69
CA THR B 109 -16.76 -3.68 24.86
C THR B 109 -15.52 -3.58 25.72
N TYR B 110 -15.16 -2.35 26.11
CA TYR B 110 -14.03 -2.08 26.98
C TYR B 110 -14.56 -1.32 28.20
N VAL B 111 -14.31 -1.86 29.38
CA VAL B 111 -14.92 -1.36 30.61
C VAL B 111 -13.94 -0.44 31.32
N ASP B 112 -14.41 0.76 31.65
CA ASP B 112 -13.71 1.68 32.54
C ASP B 112 -13.79 1.12 33.95
N VAL B 113 -12.69 0.56 34.44
CA VAL B 113 -12.65 -0.10 35.75
C VAL B 113 -11.90 0.78 36.74
N VAL B 114 -12.48 0.94 37.92
CA VAL B 114 -12.00 1.90 38.91
C VAL B 114 -11.67 1.11 40.18
N PHE B 115 -10.40 0.77 40.36
CA PHE B 115 -9.98 0.07 41.57
C PHE B 115 -8.76 0.70 42.23
N ASN B 116 -8.44 1.95 41.90
CA ASN B 116 -7.48 2.68 42.71
C ASN B 116 -8.08 3.09 44.05
N HIS B 117 -9.41 3.17 44.14
CA HIS B 117 -10.01 3.81 45.31
C HIS B 117 -11.47 3.40 45.43
N MET B 118 -12.03 3.71 46.60
CA MET B 118 -13.44 3.62 46.90
C MET B 118 -13.99 5.03 47.08
N ALA B 119 -15.31 5.12 47.30
CA ALA B 119 -15.97 6.42 47.40
C ALA B 119 -15.42 7.23 48.57
N ALA B 120 -15.41 8.55 48.39
CA ALA B 120 -14.90 9.47 49.41
C ALA B 120 -15.97 9.73 50.47
N ASP B 121 -15.60 10.52 51.48
CA ASP B 121 -16.52 10.86 52.56
C ASP B 121 -17.80 11.45 51.99
N GLY B 122 -18.91 11.09 52.63
CA GLY B 122 -20.22 11.47 52.15
C GLY B 122 -20.88 10.46 51.23
N GLY B 123 -20.11 9.57 50.62
CA GLY B 123 -20.69 8.57 49.74
C GLY B 123 -21.18 7.37 50.53
N THR B 124 -22.32 7.53 51.20
CA THR B 124 -22.85 6.47 52.06
C THR B 124 -23.79 5.54 51.32
N TYR B 125 -24.51 6.02 50.31
CA TYR B 125 -25.51 5.25 49.59
C TYR B 125 -25.06 5.01 48.16
N GLY B 126 -25.32 3.80 47.65
CA GLY B 126 -24.92 3.42 46.31
C GLY B 126 -26.03 3.33 45.30
N THR B 127 -25.68 3.30 44.01
CA THR B 127 -26.67 3.25 42.93
C THR B 127 -27.39 1.90 42.86
N GLY B 128 -27.00 0.92 43.66
CA GLY B 128 -27.66 -0.37 43.66
C GLY B 128 -28.20 -0.75 45.03
N GLY B 129 -28.33 0.23 45.92
CA GLY B 129 -28.92 0.01 47.22
C GLY B 129 -27.92 -0.25 48.34
N SER B 130 -26.67 -0.56 48.02
CA SER B 130 -25.68 -0.83 49.05
C SER B 130 -25.39 0.43 49.86
N THR B 131 -24.81 0.22 51.03
CA THR B 131 -24.37 1.31 51.88
C THR B 131 -22.86 1.18 52.11
N ALA B 132 -22.27 2.25 52.65
CA ALA B 132 -20.84 2.29 52.93
C ALA B 132 -20.57 3.36 53.97
N SER B 133 -19.43 3.24 54.63
CA SER B 133 -18.95 4.23 55.60
C SER B 133 -17.54 4.64 55.21
N PRO B 134 -17.39 5.57 54.26
CA PRO B 134 -16.04 5.98 53.84
C PRO B 134 -15.22 6.58 54.96
N SER B 135 -15.85 7.20 55.96
CA SER B 135 -15.10 7.76 57.09
C SER B 135 -14.39 6.66 57.87
N SER B 136 -14.93 5.45 57.88
CA SER B 136 -14.27 4.32 58.52
C SER B 136 -13.66 3.36 57.50
N LYS B 137 -13.70 3.72 56.21
CA LYS B 137 -13.16 2.88 55.14
C LYS B 137 -13.83 1.49 55.14
N SER B 138 -15.13 1.47 55.41
CA SER B 138 -15.89 0.24 55.46
C SER B 138 -16.89 0.21 54.31
N TYR B 139 -16.75 -0.78 53.44
CA TYR B 139 -17.60 -0.94 52.26
C TYR B 139 -18.11 -2.36 52.24
N PRO B 140 -19.22 -2.65 52.92
CA PRO B 140 -19.70 -4.04 53.03
C PRO B 140 -20.19 -4.63 51.72
N GLY B 141 -20.34 -3.82 50.66
CA GLY B 141 -20.80 -4.34 49.39
C GLY B 141 -19.79 -5.22 48.69
N VAL B 142 -18.51 -5.03 48.96
CA VAL B 142 -17.46 -5.79 48.29
C VAL B 142 -17.21 -7.15 48.95
N PRO B 143 -16.89 -7.24 50.27
CA PRO B 143 -16.70 -6.20 51.29
C PRO B 143 -15.25 -5.73 51.39
N TYR B 144 -15.07 -4.45 51.71
CA TYR B 144 -13.78 -3.85 52.02
C TYR B 144 -13.82 -3.33 53.45
N SER B 145 -12.68 -3.45 54.14
CA SER B 145 -12.51 -2.88 55.47
C SER B 145 -11.25 -2.02 55.48
N SER B 146 -11.01 -1.34 56.60
CA SER B 146 -9.87 -0.42 56.67
C SER B 146 -8.54 -1.13 56.45
N LEU B 147 -8.46 -2.44 56.70
CA LEU B 147 -7.23 -3.17 56.44
C LEU B 147 -6.84 -3.16 54.97
N ASP B 148 -7.79 -2.96 54.06
CA ASP B 148 -7.57 -3.04 52.63
C ASP B 148 -7.13 -1.72 52.01
N PHE B 149 -6.91 -0.68 52.81
CA PHE B 149 -6.58 0.63 52.29
C PHE B 149 -5.21 1.06 52.81
N ASN B 150 -4.63 2.02 52.11
CA ASN B 150 -3.40 2.64 52.55
C ASN B 150 -3.68 3.60 53.70
N PRO B 151 -2.69 3.87 54.56
CA PRO B 151 -2.89 4.88 55.61
C PRO B 151 -3.26 6.22 55.00
N THR B 152 -4.16 6.93 55.67
CA THR B 152 -4.76 8.13 55.11
C THR B 152 -3.72 9.24 54.94
N CYS B 153 -3.57 9.73 53.71
CA CYS B 153 -2.80 10.93 53.41
C CYS B 153 -3.35 11.51 52.10
N ALA B 154 -2.97 12.74 51.81
CA ALA B 154 -3.47 13.44 50.65
C ALA B 154 -2.36 13.62 49.62
N ILE B 155 -2.74 13.55 48.34
CA ILE B 155 -1.81 13.79 47.24
C ILE B 155 -1.72 15.30 46.99
N SER B 156 -0.51 15.82 46.93
CA SER B 156 -0.32 17.22 46.60
C SER B 156 0.88 17.37 45.67
N ASN B 157 1.92 16.56 45.89
CA ASN B 157 3.20 16.68 45.20
C ASN B 157 3.31 15.55 44.18
N TYR B 158 3.14 15.88 42.90
CA TYR B 158 3.27 14.88 41.84
C TYR B 158 4.74 14.59 41.50
N ASN B 159 5.68 15.21 42.20
CA ASN B 159 7.09 14.84 42.09
C ASN B 159 7.50 13.77 43.09
N ASP B 160 6.56 13.30 43.91
CA ASP B 160 6.81 12.26 44.89
C ASP B 160 6.01 11.03 44.47
N ALA B 161 6.69 10.04 43.90
CA ALA B 161 5.99 8.85 43.39
C ALA B 161 5.34 8.07 44.52
N ASN B 162 5.96 8.04 45.70
CA ASN B 162 5.34 7.37 46.84
C ASN B 162 4.02 8.04 47.21
N GLU B 163 4.00 9.37 47.23
CA GLU B 163 2.79 10.09 47.59
C GLU B 163 1.71 9.92 46.52
N VAL B 164 2.11 9.92 45.25
CA VAL B 164 1.14 9.81 44.16
C VAL B 164 0.42 8.48 44.20
N ARG B 165 1.10 7.42 44.62
CA ARG B 165 0.52 6.09 44.60
C ARG B 165 -0.03 5.62 45.93
N ASN B 166 0.47 6.16 47.05
CA ASN B 166 0.02 5.69 48.35
C ASN B 166 -1.01 6.60 49.02
N CYS B 167 -1.14 7.84 48.56
CA CYS B 167 -2.04 8.78 49.22
C CYS B 167 -3.33 8.95 48.41
N GLU B 168 -4.28 9.64 49.02
CA GLU B 168 -5.63 9.72 48.47
C GLU B 168 -5.72 10.77 47.37
N LEU B 169 -6.29 10.36 46.24
CA LEU B 169 -6.61 11.28 45.16
C LEU B 169 -7.94 11.97 45.49
N VAL B 170 -7.88 13.30 45.63
CA VAL B 170 -8.99 14.17 46.02
C VAL B 170 -9.92 13.48 47.04
N GLY B 171 -9.33 12.89 48.07
CA GLY B 171 -10.10 12.33 49.16
C GLY B 171 -10.68 10.96 48.92
N LEU B 172 -10.40 10.33 47.79
CA LEU B 172 -10.91 8.99 47.53
C LEU B 172 -10.08 7.97 48.30
N ARG B 173 -10.75 7.11 49.05
CA ARG B 173 -10.07 6.17 49.92
C ARG B 173 -9.18 5.23 49.11
N ASP B 174 -7.88 5.27 49.38
CA ASP B 174 -6.88 4.65 48.52
C ASP B 174 -6.72 3.17 48.88
N LEU B 175 -7.15 2.29 47.98
CA LEU B 175 -7.01 0.86 48.17
C LEU B 175 -5.55 0.44 48.10
N ASN B 176 -5.22 -0.65 48.79
CA ASN B 176 -3.86 -1.18 48.79
C ASN B 176 -3.85 -2.43 47.90
N GLN B 177 -3.52 -2.23 46.63
CA GLN B 177 -3.43 -3.37 45.73
C GLN B 177 -2.22 -4.26 46.02
N GLY B 178 -1.36 -3.88 46.97
CA GLY B 178 -0.36 -4.81 47.46
C GLY B 178 -0.93 -5.85 48.40
N ASN B 179 -2.11 -5.59 48.96
CA ASN B 179 -2.81 -6.55 49.79
C ASN B 179 -3.44 -7.62 48.90
N SER B 180 -3.14 -8.89 49.18
CA SER B 180 -3.62 -9.98 48.33
C SER B 180 -5.14 -10.06 48.33
N TYR B 181 -5.78 -9.61 49.41
CA TYR B 181 -7.24 -9.62 49.43
C TYR B 181 -7.80 -8.63 48.42
N VAL B 182 -7.21 -7.44 48.32
CA VAL B 182 -7.62 -6.47 47.30
C VAL B 182 -7.39 -7.02 45.91
N GLN B 183 -6.25 -7.68 45.70
CA GLN B 183 -6.00 -8.32 44.42
C GLN B 183 -7.07 -9.35 44.10
N ASP B 184 -7.46 -10.15 45.09
CA ASP B 184 -8.48 -11.18 44.85
C ASP B 184 -9.79 -10.54 44.42
N LYS B 185 -10.22 -9.48 45.10
CA LYS B 185 -11.49 -8.86 44.78
C LYS B 185 -11.46 -8.19 43.40
N VAL B 186 -10.33 -7.56 43.05
CA VAL B 186 -10.24 -6.91 41.75
C VAL B 186 -10.20 -7.95 40.64
N VAL B 187 -9.40 -9.00 40.81
CA VAL B 187 -9.32 -10.05 39.79
C VAL B 187 -10.68 -10.72 39.62
N GLU B 188 -11.35 -11.02 40.73
CA GLU B 188 -12.69 -11.62 40.67
C GLU B 188 -13.67 -10.70 39.94
N PHE B 189 -13.56 -9.39 40.17
CA PHE B 189 -14.40 -8.44 39.45
C PHE B 189 -14.09 -8.42 37.97
N LEU B 190 -12.81 -8.35 37.61
CA LEU B 190 -12.42 -8.31 36.21
C LEU B 190 -12.71 -9.63 35.50
N ASP B 191 -12.46 -10.76 36.16
CA ASP B 191 -12.80 -12.05 35.58
C ASP B 191 -14.30 -12.15 35.31
N HIS B 192 -15.12 -11.60 36.21
CA HIS B 192 -16.56 -11.61 36.00
C HIS B 192 -16.92 -10.85 34.73
N LEU B 193 -16.28 -9.70 34.50
CA LEU B 193 -16.53 -8.95 33.27
C LEU B 193 -16.07 -9.72 32.04
N ILE B 194 -14.93 -10.41 32.15
CA ILE B 194 -14.45 -11.23 31.03
C ILE B 194 -15.46 -12.35 30.73
N ASP B 195 -15.99 -13.00 31.77
CA ASP B 195 -17.02 -14.01 31.58
C ASP B 195 -18.22 -13.45 30.84
N LEU B 196 -18.55 -12.17 31.05
CA LEU B 196 -19.67 -11.53 30.39
C LEU B 196 -19.36 -11.13 28.95
N GLY B 197 -18.12 -11.31 28.50
CA GLY B 197 -17.77 -11.11 27.12
C GLY B 197 -17.03 -9.84 26.77
N VAL B 198 -16.47 -9.13 27.77
CA VAL B 198 -15.75 -7.90 27.45
C VAL B 198 -14.41 -8.23 26.81
N ALA B 199 -13.88 -7.28 26.05
CA ALA B 199 -12.62 -7.45 25.34
C ALA B 199 -11.44 -6.82 26.05
N GLY B 200 -11.67 -5.90 26.96
CA GLY B 200 -10.57 -5.25 27.63
C GLY B 200 -11.05 -4.24 28.63
N PHE B 201 -10.09 -3.48 29.16
CA PHE B 201 -10.34 -2.57 30.26
C PHE B 201 -9.57 -1.27 30.05
N ARG B 202 -10.22 -0.17 30.41
CA ARG B 202 -9.55 1.11 30.60
C ARG B 202 -9.30 1.26 32.09
N VAL B 203 -8.04 1.18 32.50
CA VAL B 203 -7.69 1.15 33.91
C VAL B 203 -7.63 2.57 34.44
N ASP B 204 -8.63 2.96 35.23
CA ASP B 204 -8.71 4.30 35.78
C ASP B 204 -7.58 4.55 36.77
N ALA B 205 -6.97 5.74 36.67
CA ALA B 205 -5.97 6.21 37.64
C ALA B 205 -4.83 5.21 37.79
N ALA B 206 -4.42 4.58 36.69
CA ALA B 206 -3.34 3.61 36.75
C ALA B 206 -2.05 4.24 37.24
N LYS B 207 -1.86 5.53 36.97
CA LYS B 207 -0.67 6.24 37.45
C LYS B 207 -0.58 6.22 38.97
N HIS B 208 -1.72 6.09 39.65
CA HIS B 208 -1.77 6.13 41.12
C HIS B 208 -1.65 4.75 41.75
N MET B 209 -1.30 3.73 40.96
CA MET B 209 -1.09 2.39 41.47
C MET B 209 0.28 1.91 41.04
N TRP B 210 0.81 0.94 41.80
CA TRP B 210 2.16 0.43 41.56
C TRP B 210 2.15 -0.57 40.42
N PRO B 211 3.03 -0.40 39.42
CA PRO B 211 3.08 -1.36 38.32
C PRO B 211 3.32 -2.80 38.77
N ALA B 212 4.02 -3.01 39.88
CA ALA B 212 4.26 -4.36 40.36
C ALA B 212 2.96 -5.05 40.77
N ASP B 213 2.07 -4.31 41.45
CA ASP B 213 0.77 -4.86 41.82
C ASP B 213 -0.13 -5.03 40.59
N LEU B 214 -0.08 -4.08 39.66
CA LEU B 214 -0.88 -4.18 38.45
C LEU B 214 -0.45 -5.36 37.59
N ALA B 215 0.86 -5.64 37.56
CA ALA B 215 1.35 -6.79 36.80
C ALA B 215 0.74 -8.09 37.30
N VAL B 216 0.63 -8.23 38.63
CA VAL B 216 0.05 -9.44 39.21
C VAL B 216 -1.44 -9.54 38.86
N ILE B 217 -2.15 -8.41 38.93
CA ILE B 217 -3.57 -8.43 38.63
C ILE B 217 -3.79 -8.78 37.16
N TYR B 218 -3.06 -8.14 36.26
CA TYR B 218 -3.21 -8.44 34.84
C TYR B 218 -2.88 -9.89 34.54
N GLY B 219 -1.78 -10.40 35.11
CA GLY B 219 -1.35 -11.77 34.84
C GLY B 219 -2.28 -12.82 35.40
N ARG B 220 -3.15 -12.46 36.34
CA ARG B 220 -4.10 -13.40 36.91
C ARG B 220 -5.39 -13.51 36.12
N LEU B 221 -5.65 -12.59 35.20
CA LEU B 221 -6.92 -12.58 34.48
C LEU B 221 -7.06 -13.79 33.56
N LYS B 222 -8.27 -14.34 33.50
CA LYS B 222 -8.52 -15.49 32.66
C LYS B 222 -8.56 -15.09 31.18
N ASN B 223 -8.53 -16.10 30.32
CA ASN B 223 -8.65 -15.86 28.90
C ASN B 223 -10.05 -15.34 28.56
N LEU B 224 -10.15 -14.67 27.42
CA LEU B 224 -11.42 -14.10 26.99
C LEU B 224 -12.41 -15.20 26.64
N ASN B 225 -13.70 -14.87 26.76
CA ASN B 225 -14.78 -15.83 26.53
C ASN B 225 -14.90 -16.11 25.04
N THR B 226 -14.50 -17.32 24.62
CA THR B 226 -14.54 -17.68 23.21
C THR B 226 -15.96 -17.75 22.67
N ASP B 227 -16.96 -17.91 23.54
CA ASP B 227 -18.34 -17.92 23.05
C ASP B 227 -18.74 -16.58 22.43
N HIS B 228 -18.02 -15.50 22.75
CA HIS B 228 -18.30 -14.19 22.19
C HIS B 228 -17.50 -13.87 20.94
N GLY B 229 -16.85 -14.88 20.34
CA GLY B 229 -16.13 -14.70 19.10
C GLY B 229 -14.65 -14.45 19.25
N PHE B 230 -14.11 -14.46 20.46
CA PHE B 230 -12.69 -14.28 20.66
C PHE B 230 -11.93 -15.57 20.35
N ALA B 231 -10.78 -15.43 19.69
CA ALA B 231 -9.95 -16.58 19.40
C ALA B 231 -9.42 -17.19 20.70
N SER B 232 -9.16 -18.50 20.65
CA SER B 232 -8.60 -19.19 21.80
C SER B 232 -7.25 -18.60 22.18
N GLY B 233 -7.00 -18.49 23.48
CA GLY B 233 -5.77 -17.88 23.95
C GLY B 233 -5.78 -16.36 23.98
N SER B 234 -6.91 -15.74 23.69
CA SER B 234 -7.00 -14.28 23.73
C SER B 234 -6.97 -13.78 25.16
N LYS B 235 -6.31 -12.65 25.37
CA LYS B 235 -6.23 -12.00 26.66
C LYS B 235 -6.84 -10.61 26.58
N ALA B 236 -7.23 -10.08 27.74
CA ALA B 236 -7.92 -8.81 27.80
C ALA B 236 -6.99 -7.67 27.42
N TYR B 237 -7.48 -6.78 26.55
CA TYR B 237 -6.74 -5.56 26.21
C TYR B 237 -6.69 -4.65 27.42
N ILE B 238 -5.49 -4.16 27.76
CA ILE B 238 -5.28 -3.31 28.93
C ILE B 238 -4.78 -1.96 28.44
N VAL B 239 -5.57 -0.91 28.62
CA VAL B 239 -5.12 0.45 28.38
C VAL B 239 -5.20 1.20 29.71
N GLN B 240 -4.07 1.80 30.10
CA GLN B 240 -3.91 2.35 31.43
C GLN B 240 -3.91 3.87 31.37
N GLU B 241 -4.78 4.50 32.15
CA GLU B 241 -4.86 5.96 32.19
C GLU B 241 -3.66 6.47 32.98
N VAL B 242 -2.65 6.94 32.26
CA VAL B 242 -1.45 7.55 32.84
C VAL B 242 -1.27 8.89 32.15
N ILE B 243 -1.43 9.98 32.90
CA ILE B 243 -1.21 11.32 32.38
C ILE B 243 0.27 11.63 32.54
N ASP B 244 0.99 11.67 31.41
CA ASP B 244 2.43 11.90 31.39
C ASP B 244 2.72 13.05 30.42
N MET B 245 2.69 14.28 30.93
CA MET B 245 3.05 15.47 30.18
C MET B 245 4.49 15.91 30.44
N GLY B 246 5.23 15.19 31.28
CA GLY B 246 6.57 15.60 31.66
C GLY B 246 6.60 16.41 32.94
N GLY B 247 7.80 16.47 33.53
CA GLY B 247 7.99 17.26 34.73
C GLY B 247 7.50 16.64 36.01
N GLU B 248 7.25 15.33 36.01
CA GLU B 248 6.81 14.63 37.21
C GLU B 248 7.71 13.43 37.44
N ALA B 249 7.48 12.73 38.55
CA ALA B 249 8.33 11.61 38.93
C ALA B 249 7.93 10.31 38.22
N ILE B 250 6.67 10.16 37.83
CA ILE B 250 6.17 8.91 37.27
C ILE B 250 6.04 9.04 35.76
N SER B 251 6.62 8.09 35.03
CA SER B 251 6.62 8.10 33.58
C SER B 251 5.74 6.99 33.03
N LYS B 252 5.17 7.24 31.85
CA LYS B 252 4.35 6.24 31.20
C LYS B 252 5.13 4.99 30.85
N SER B 253 6.46 5.09 30.74
CA SER B 253 7.29 3.93 30.44
C SER B 253 7.26 2.89 31.55
N GLU B 254 6.82 3.26 32.75
CA GLU B 254 6.67 2.29 33.82
C GLU B 254 5.46 1.38 33.61
N TYR B 255 4.61 1.69 32.63
CA TYR B 255 3.39 0.91 32.39
C TYR B 255 3.32 0.30 31.01
N THR B 256 4.09 0.80 30.03
CA THR B 256 4.01 0.29 28.68
C THR B 256 4.52 -1.13 28.54
N GLY B 257 5.14 -1.69 29.59
CA GLY B 257 5.47 -3.10 29.60
C GLY B 257 4.36 -4.00 30.05
N LEU B 258 3.30 -3.43 30.66
CA LEU B 258 2.16 -4.19 31.12
C LEU B 258 0.93 -4.02 30.24
N GLY B 259 0.88 -2.99 29.43
CA GLY B 259 -0.27 -2.74 28.59
C GLY B 259 -0.11 -1.41 27.88
N ALA B 260 -1.16 -1.06 27.14
CA ALA B 260 -1.17 0.24 26.48
C ALA B 260 -1.35 1.35 27.49
N ILE B 261 -1.07 2.58 27.06
CA ILE B 261 -1.27 3.76 27.88
C ILE B 261 -2.08 4.77 27.10
N THR B 262 -2.75 5.65 27.83
CA THR B 262 -3.45 6.81 27.27
C THR B 262 -2.42 7.88 26.93
N GLU B 263 -2.23 8.15 25.63
CA GLU B 263 -1.19 9.09 25.20
C GLU B 263 -1.76 10.51 25.20
N PHE B 264 -1.66 11.20 26.34
CA PHE B 264 -2.28 12.52 26.44
C PHE B 264 -1.50 13.61 25.71
N ARG B 265 -0.24 13.37 25.36
CA ARG B 265 0.48 14.31 24.52
C ARG B 265 -0.17 14.43 23.14
N HIS B 266 -0.76 13.34 22.66
CA HIS B 266 -1.47 13.40 21.38
C HIS B 266 -2.63 14.38 21.46
N SER B 267 -3.50 14.23 22.48
CA SER B 267 -4.64 15.13 22.63
C SER B 267 -4.18 16.58 22.76
N ASP B 268 -3.13 16.81 23.54
CA ASP B 268 -2.64 18.17 23.76
C ASP B 268 -2.01 18.73 22.48
N SER B 269 -1.15 17.95 21.82
CA SER B 269 -0.47 18.45 20.64
C SER B 269 -1.44 18.62 19.47
N ILE B 270 -2.35 17.67 19.28
CA ILE B 270 -3.28 17.80 18.15
C ILE B 270 -4.22 18.97 18.36
N GLY B 271 -4.52 19.32 19.61
CA GLY B 271 -5.34 20.49 19.86
C GLY B 271 -4.57 21.76 19.54
N LYS B 272 -3.31 21.85 19.97
CA LYS B 272 -2.48 23.01 19.65
C LYS B 272 -2.31 23.18 18.15
N VAL B 273 -2.05 22.08 17.44
CA VAL B 273 -1.78 22.17 16.01
C VAL B 273 -3.02 22.65 15.26
N PHE B 274 -4.16 22.02 15.51
CA PHE B 274 -5.33 22.36 14.70
C PHE B 274 -6.07 23.60 15.21
N ARG B 275 -5.70 24.13 16.38
CA ARG B 275 -6.18 25.45 16.78
C ARG B 275 -5.40 26.58 16.14
N GLY B 276 -4.26 26.29 15.50
CA GLY B 276 -3.43 27.32 14.94
C GLY B 276 -2.30 27.78 15.83
N LYS B 277 -2.13 27.19 17.01
CA LYS B 277 -0.99 27.49 17.86
C LYS B 277 0.29 26.83 17.39
N ASP B 278 0.19 25.91 16.44
CA ASP B 278 1.35 25.26 15.84
C ASP B 278 1.02 25.01 14.37
N GLN B 279 2.05 24.76 13.57
CA GLN B 279 1.87 24.62 12.12
C GLN B 279 1.63 23.16 11.74
N LEU B 280 0.70 22.95 10.80
CA LEU B 280 0.43 21.60 10.32
C LEU B 280 1.64 20.98 9.63
N GLN B 281 2.55 21.81 9.09
CA GLN B 281 3.73 21.29 8.41
C GLN B 281 4.59 20.44 9.34
N TYR B 282 4.52 20.68 10.64
CA TYR B 282 5.29 19.88 11.58
C TYR B 282 4.73 18.48 11.77
N LEU B 283 3.52 18.20 11.26
CA LEU B 283 2.92 16.88 11.43
C LEU B 283 3.60 15.80 10.60
N THR B 284 4.64 16.15 9.84
CA THR B 284 5.28 15.19 8.95
C THR B 284 5.95 14.05 9.71
N ASN B 285 6.30 14.24 10.98
CA ASN B 285 6.89 13.18 11.78
C ASN B 285 6.03 12.86 13.01
N TRP B 286 4.71 13.07 12.90
CA TRP B 286 3.76 12.70 13.94
C TRP B 286 4.06 11.29 14.46
N GLY B 287 4.15 11.18 15.78
CA GLY B 287 4.48 9.91 16.39
C GLY B 287 5.42 10.07 17.57
N THR B 288 6.33 9.11 17.76
CA THR B 288 7.28 9.18 18.86
C THR B 288 8.16 10.43 18.79
N ALA B 289 8.35 10.98 17.59
CA ALA B 289 9.11 12.22 17.43
C ALA B 289 8.42 13.40 18.11
N TRP B 290 7.13 13.28 18.41
CA TRP B 290 6.40 14.27 19.19
C TRP B 290 6.31 13.90 20.67
N GLY B 291 7.14 12.97 21.11
CA GLY B 291 7.15 12.55 22.50
C GLY B 291 6.16 11.45 22.84
N PHE B 292 5.47 10.90 21.85
CA PHE B 292 4.49 9.86 22.12
C PHE B 292 5.17 8.55 22.53
N ALA B 293 4.41 7.72 23.24
CA ALA B 293 4.84 6.35 23.44
C ALA B 293 4.83 5.61 22.10
N ALA B 294 5.29 4.37 22.12
CA ALA B 294 5.32 3.57 20.90
C ALA B 294 3.91 3.46 20.30
N SER B 295 3.86 3.34 18.97
CA SER B 295 2.58 3.30 18.28
C SER B 295 1.73 2.12 18.76
N ASP B 296 2.36 0.97 18.97
CA ASP B 296 1.63 -0.22 19.42
C ASP B 296 1.40 -0.23 20.92
N ARG B 297 1.62 0.90 21.61
CA ARG B 297 1.34 1.01 23.04
C ARG B 297 0.52 2.25 23.37
N SER B 298 -0.02 2.94 22.37
CA SER B 298 -0.62 4.26 22.55
C SER B 298 -2.09 4.26 22.15
N LEU B 299 -2.95 4.56 23.12
CA LEU B 299 -4.34 4.91 22.86
C LEU B 299 -4.38 6.42 22.62
N VAL B 300 -4.88 6.83 21.45
CA VAL B 300 -4.91 8.25 21.09
C VAL B 300 -6.35 8.71 20.95
N PHE B 301 -6.54 10.02 21.09
CA PHE B 301 -7.87 10.63 21.09
C PHE B 301 -7.70 12.13 20.96
N VAL B 302 -8.72 12.79 20.40
CA VAL B 302 -8.68 14.25 20.35
C VAL B 302 -8.96 14.84 21.73
N ASP B 303 -9.98 14.33 22.41
CA ASP B 303 -10.28 14.71 23.78
C ASP B 303 -10.81 13.48 24.51
N ASN B 304 -10.82 13.54 25.84
CA ASN B 304 -11.41 12.50 26.66
C ASN B 304 -12.41 13.15 27.62
N HIS B 305 -13.12 12.32 28.38
CA HIS B 305 -14.17 12.83 29.25
C HIS B 305 -13.63 13.77 30.32
N ASP B 306 -12.34 13.67 30.65
CA ASP B 306 -11.75 14.58 31.62
C ASP B 306 -11.37 15.91 30.96
N ASN B 307 -10.47 15.86 29.98
CA ASN B 307 -9.89 17.11 29.51
C ASN B 307 -10.83 17.90 28.59
N GLN B 308 -11.91 17.30 28.10
CA GLN B 308 -12.91 18.11 27.40
C GLN B 308 -13.61 19.08 28.33
N ARG B 309 -13.52 18.89 29.65
CA ARG B 309 -14.18 19.75 30.61
C ARG B 309 -13.18 20.37 31.58
N GLY B 310 -11.89 20.39 31.22
CA GLY B 310 -10.86 20.93 32.08
C GLY B 310 -10.43 20.06 33.23
N HIS B 311 -10.90 18.82 33.32
CA HIS B 311 -10.49 17.93 34.39
C HIS B 311 -9.23 17.16 34.00
N GLY B 312 -8.59 16.55 35.00
CA GLY B 312 -7.41 15.75 34.76
C GLY B 312 -6.25 16.58 34.24
N ALA B 313 -5.69 16.14 33.11
CA ALA B 313 -4.59 16.88 32.49
C ALA B 313 -5.04 18.27 32.07
N GLY B 314 -6.26 18.37 31.54
CA GLY B 314 -6.82 19.67 31.22
C GLY B 314 -6.07 20.31 30.06
N GLY B 315 -5.95 21.63 30.13
CA GLY B 315 -5.32 22.40 29.09
C GLY B 315 -6.36 23.04 28.20
N ALA B 316 -6.23 24.36 27.98
CA ALA B 316 -7.19 25.09 27.18
C ALA B 316 -7.05 24.81 25.69
N ASP B 317 -5.95 24.19 25.25
CA ASP B 317 -5.77 23.89 23.84
C ASP B 317 -6.47 22.61 23.39
N VAL B 318 -7.03 21.82 24.32
CA VAL B 318 -7.75 20.62 23.92
C VAL B 318 -8.94 21.01 23.06
N LEU B 319 -9.10 20.32 21.93
CA LEU B 319 -10.24 20.55 21.04
C LEU B 319 -11.40 19.65 21.44
N THR B 320 -12.60 20.22 21.46
CA THR B 320 -13.83 19.49 21.78
C THR B 320 -14.89 19.77 20.71
N TYR B 321 -16.04 19.12 20.86
CA TYR B 321 -17.16 19.34 19.94
C TYR B 321 -17.58 20.81 19.89
N LYS B 322 -17.23 21.59 20.91
CA LYS B 322 -17.59 23.01 20.94
C LYS B 322 -16.81 23.83 19.93
N VAL B 323 -15.73 23.31 19.36
CA VAL B 323 -14.99 23.95 18.28
C VAL B 323 -15.10 23.04 17.06
N PRO B 324 -16.28 22.96 16.43
CA PRO B 324 -16.54 21.81 15.53
C PRO B 324 -15.62 21.71 14.33
N LYS B 325 -15.34 22.81 13.63
CA LYS B 325 -14.55 22.72 12.41
C LYS B 325 -13.18 22.12 12.67
N GLN B 326 -12.48 22.66 13.66
CA GLN B 326 -11.13 22.16 13.96
C GLN B 326 -11.19 20.81 14.68
N TYR B 327 -12.27 20.55 15.43
CA TYR B 327 -12.42 19.24 16.04
C TYR B 327 -12.50 18.15 14.97
N LYS B 328 -13.24 18.40 13.90
CA LYS B 328 -13.34 17.41 12.83
C LYS B 328 -12.04 17.29 12.06
N MET B 329 -11.32 18.41 11.86
CA MET B 329 -10.03 18.33 11.20
C MET B 329 -9.07 17.47 12.01
N ALA B 330 -9.00 17.69 13.33
CA ALA B 330 -8.11 16.87 14.15
C ALA B 330 -8.57 15.41 14.17
N SER B 331 -9.88 15.18 14.29
CA SER B 331 -10.38 13.81 14.28
C SER B 331 -10.05 13.12 12.95
N ALA B 332 -10.20 13.85 11.84
CA ALA B 332 -9.88 13.27 10.54
C ALA B 332 -8.40 12.94 10.43
N PHE B 333 -7.53 13.84 10.93
CA PHE B 333 -6.10 13.57 10.88
C PHE B 333 -5.76 12.34 11.72
N MET B 334 -6.27 12.28 12.95
CA MET B 334 -6.10 11.10 13.79
C MET B 334 -6.53 9.83 13.06
N LEU B 335 -7.75 9.84 12.52
CA LEU B 335 -8.28 8.62 11.90
C LEU B 335 -7.59 8.29 10.58
N ALA B 336 -6.93 9.26 9.95
CA ALA B 336 -6.16 8.99 8.75
C ALA B 336 -4.72 8.56 9.04
N HIS B 337 -4.24 8.82 10.25
CA HIS B 337 -2.83 8.56 10.55
C HIS B 337 -2.64 7.17 11.13
N PRO B 338 -1.60 6.44 10.69
CA PRO B 338 -1.41 5.07 11.16
C PRO B 338 -1.01 4.98 12.62
N PHE B 339 -0.56 6.06 13.25
CA PHE B 339 -0.07 5.97 14.62
C PHE B 339 -1.19 5.62 15.59
N GLY B 340 -0.90 4.67 16.49
CA GLY B 340 -1.72 4.43 17.66
C GLY B 340 -3.05 3.75 17.37
N THR B 341 -3.85 3.66 18.44
CA THR B 341 -5.20 3.10 18.39
C THR B 341 -6.19 4.20 18.71
N PRO B 342 -6.94 4.70 17.73
CA PRO B 342 -7.80 5.86 17.98
C PRO B 342 -9.03 5.52 18.79
N ARG B 343 -9.34 6.38 19.75
CA ARG B 343 -10.58 6.35 20.50
C ARG B 343 -11.36 7.62 20.20
N VAL B 344 -12.63 7.44 19.85
CA VAL B 344 -13.50 8.54 19.42
C VAL B 344 -14.37 8.93 20.61
N MET B 345 -14.18 10.15 21.09
CA MET B 345 -15.00 10.67 22.18
C MET B 345 -16.45 10.85 21.70
N SER B 346 -17.39 10.55 22.59
CA SER B 346 -18.81 10.80 22.32
C SER B 346 -19.42 11.37 23.59
N SER B 347 -19.95 12.59 23.51
CA SER B 347 -20.26 13.38 24.68
C SER B 347 -21.75 13.68 24.79
N PHE B 348 -22.14 14.13 25.99
CA PHE B 348 -23.39 14.87 26.14
C PHE B 348 -23.05 16.35 26.27
N SER B 349 -23.94 17.19 25.76
CA SER B 349 -23.68 18.63 25.80
C SER B 349 -23.68 19.13 27.23
N PHE B 350 -22.78 20.07 27.52
CA PHE B 350 -22.65 20.58 28.88
C PHE B 350 -22.13 22.01 28.85
N THR B 351 -22.64 22.83 29.76
CA THR B 351 -22.11 24.15 30.03
C THR B 351 -21.51 24.25 31.42
N ASP B 352 -21.60 23.19 32.21
CA ASP B 352 -21.07 23.12 33.56
C ASP B 352 -20.20 21.86 33.65
N THR B 353 -18.99 22.01 34.20
CA THR B 353 -18.04 20.91 34.21
C THR B 353 -18.37 19.83 35.23
N ASP B 354 -19.37 20.05 36.10
CA ASP B 354 -19.82 19.02 37.02
C ASP B 354 -21.07 18.28 36.57
N GLN B 355 -21.88 18.90 35.70
CA GLN B 355 -23.20 18.36 35.40
C GLN B 355 -23.10 16.97 34.78
N GLY B 356 -24.07 16.13 35.11
CA GLY B 356 -24.14 14.78 34.60
C GLY B 356 -24.90 14.69 33.29
N PRO B 357 -25.11 13.46 32.81
CA PRO B 357 -25.79 13.27 31.54
C PRO B 357 -27.22 13.80 31.60
N PRO B 358 -27.85 14.02 30.43
CA PRO B 358 -29.23 14.47 30.44
C PRO B 358 -30.16 13.45 31.10
N THR B 359 -31.18 13.96 31.78
CA THR B 359 -32.12 13.13 32.50
C THR B 359 -33.56 13.52 32.18
N THR B 360 -34.48 12.60 32.46
CA THR B 360 -35.90 12.88 32.34
C THR B 360 -36.47 13.54 33.59
N ASP B 361 -35.81 13.37 34.75
CA ASP B 361 -36.36 13.86 36.01
C ASP B 361 -35.27 14.29 36.99
N GLY B 362 -34.06 14.58 36.52
CA GLY B 362 -32.95 14.85 37.41
C GLY B 362 -32.12 13.64 37.78
N HIS B 363 -32.60 12.42 37.51
CA HIS B 363 -31.88 11.22 37.92
C HIS B 363 -31.84 10.16 36.82
N ASN B 364 -33.00 9.82 36.27
CA ASN B 364 -33.06 8.79 35.24
C ASN B 364 -32.46 9.32 33.94
N ILE B 365 -31.40 8.68 33.47
CA ILE B 365 -30.69 9.14 32.29
C ILE B 365 -31.61 9.12 31.08
N ALA B 366 -31.62 10.22 30.33
CA ALA B 366 -32.48 10.34 29.16
C ALA B 366 -31.83 9.70 27.95
N SER B 367 -32.53 8.78 27.31
CA SER B 367 -32.00 8.13 26.13
C SER B 367 -31.83 9.14 25.00
N PRO B 368 -30.85 8.94 24.13
CA PRO B 368 -30.69 9.83 22.97
C PRO B 368 -31.86 9.71 22.01
N ILE B 369 -32.17 10.82 21.35
CA ILE B 369 -33.15 10.86 20.27
C ILE B 369 -32.42 11.28 19.00
N PHE B 370 -33.07 11.03 17.86
CA PHE B 370 -32.39 11.17 16.58
C PHE B 370 -33.21 12.01 15.61
N ASN B 371 -32.52 12.91 14.90
CA ASN B 371 -33.15 13.79 13.93
C ASN B 371 -33.34 13.04 12.61
N SER B 372 -33.96 13.73 11.64
CA SER B 372 -34.23 13.12 10.34
C SER B 372 -32.95 12.71 9.63
N ASP B 373 -31.85 13.41 9.91
CA ASP B 373 -30.56 13.10 9.30
C ASP B 373 -29.74 12.13 10.15
N ASN B 374 -30.37 11.46 11.11
CA ASN B 374 -29.75 10.50 12.02
C ASN B 374 -28.72 11.12 12.95
N SER B 375 -28.70 12.45 13.07
CA SER B 375 -27.88 13.09 14.08
C SER B 375 -28.58 12.99 15.43
N CYS B 376 -27.83 13.29 16.49
CA CYS B 376 -28.34 13.15 17.85
C CYS B 376 -28.97 14.43 18.35
N SER B 377 -29.94 14.27 19.24
CA SER B 377 -30.55 15.38 19.96
C SER B 377 -30.83 14.90 21.38
N GLY B 378 -31.65 15.66 22.10
CA GLY B 378 -32.04 15.26 23.44
C GLY B 378 -30.96 15.36 24.49
N GLY B 379 -29.97 16.25 24.28
CA GLY B 379 -28.90 16.45 25.23
C GLY B 379 -27.59 15.76 24.89
N TRP B 380 -27.54 14.98 23.82
CA TRP B 380 -26.34 14.28 23.40
C TRP B 380 -25.85 14.85 22.08
N VAL B 381 -24.52 14.90 21.91
CA VAL B 381 -23.94 15.41 20.67
C VAL B 381 -23.60 14.28 19.72
N CYS B 382 -23.16 13.13 20.25
CA CYS B 382 -22.82 11.95 19.44
C CYS B 382 -21.87 12.30 18.31
N GLU B 383 -20.64 12.67 18.70
CA GLU B 383 -19.61 12.95 17.71
C GLU B 383 -19.38 11.76 16.79
N HIS B 384 -19.58 10.54 17.30
CA HIS B 384 -19.38 9.34 16.48
C HIS B 384 -20.39 9.24 15.34
N ARG B 385 -21.49 10.01 15.41
CA ARG B 385 -22.46 10.06 14.33
C ARG B 385 -22.23 11.24 13.38
N TRP B 386 -21.21 12.06 13.62
CA TRP B 386 -20.85 13.09 12.66
C TRP B 386 -20.25 12.45 11.42
N ARG B 387 -20.77 12.80 10.25
CA ARG B 387 -20.31 12.18 9.01
C ARG B 387 -18.81 12.37 8.83
N GLN B 388 -18.29 13.54 9.18
CA GLN B 388 -16.87 13.80 9.02
C GLN B 388 -16.00 12.87 9.86
N ILE B 389 -16.57 12.29 10.91
CA ILE B 389 -15.84 11.38 11.78
C ILE B 389 -16.06 9.92 11.38
N TYR B 390 -17.33 9.48 11.24
CA TYR B 390 -17.53 8.08 10.95
C TYR B 390 -17.11 7.71 9.53
N ASN B 391 -17.16 8.67 8.59
CA ASN B 391 -16.63 8.37 7.26
C ASN B 391 -15.12 8.25 7.27
N MET B 392 -14.46 8.92 8.22
CA MET B 392 -13.02 8.74 8.37
C MET B 392 -12.69 7.41 9.06
N VAL B 393 -13.63 6.85 9.84
CA VAL B 393 -13.46 5.47 10.28
C VAL B 393 -13.48 4.55 9.07
N ALA B 394 -14.42 4.77 8.15
CA ALA B 394 -14.43 3.99 6.92
C ALA B 394 -13.14 4.18 6.13
N PHE B 395 -12.62 5.42 6.11
CA PHE B 395 -11.31 5.67 5.52
C PHE B 395 -10.24 4.79 6.15
N ARG B 396 -10.16 4.81 7.50
CA ARG B 396 -9.17 4.00 8.19
C ARG B 396 -9.32 2.52 7.85
N ASN B 397 -10.56 2.03 7.78
CA ASN B 397 -10.76 0.63 7.45
C ASN B 397 -10.32 0.33 6.02
N THR B 398 -10.46 1.29 5.11
CA THR B 398 -10.14 1.04 3.71
C THR B 398 -8.64 0.97 3.48
N VAL B 399 -7.85 1.71 4.24
CA VAL B 399 -6.42 1.80 3.96
C VAL B 399 -5.59 0.74 4.66
N GLY B 400 -6.12 0.07 5.69
CA GLY B 400 -5.39 -1.01 6.32
C GLY B 400 -4.09 -0.54 6.95
N SER B 401 -2.99 -1.23 6.62
CA SER B 401 -1.68 -0.92 7.17
C SER B 401 -0.79 -0.17 6.20
N ASP B 402 -1.36 0.42 5.16
CA ASP B 402 -0.55 1.10 4.15
C ASP B 402 0.20 2.28 4.77
N GLU B 403 1.44 2.48 4.33
CA GLU B 403 2.26 3.54 4.89
C GLU B 403 1.90 4.89 4.26
N ILE B 404 2.30 5.96 4.96
CA ILE B 404 2.08 7.30 4.45
C ILE B 404 2.98 7.51 3.23
N GLN B 405 2.40 8.07 2.17
CA GLN B 405 3.16 8.45 1.00
C GLN B 405 2.65 9.80 0.51
N ASN B 406 3.38 10.37 -0.44
CA ASN B 406 2.96 11.59 -1.14
C ASN B 406 2.71 12.75 -0.19
N TRP B 407 3.55 12.89 0.82
CA TRP B 407 3.41 14.03 1.73
C TRP B 407 3.68 15.33 0.99
N TRP B 408 2.79 16.31 1.19
CA TRP B 408 2.96 17.65 0.63
C TRP B 408 2.54 18.68 1.67
N ASP B 409 3.22 19.81 1.69
CA ASP B 409 2.79 20.93 2.52
C ASP B 409 3.30 22.22 1.92
N ASN B 410 2.69 23.34 2.34
CA ASN B 410 3.08 24.66 1.90
C ASN B 410 3.96 25.38 2.91
N GLY B 411 4.58 24.63 3.82
CA GLY B 411 5.37 25.23 4.88
C GLY B 411 4.57 25.89 5.97
N SER B 412 3.24 25.86 5.89
CA SER B 412 2.39 26.50 6.88
C SER B 412 1.30 25.54 7.36
N ASN B 413 0.06 25.75 6.93
CA ASN B 413 -1.06 24.96 7.44
C ASN B 413 -1.86 24.29 6.34
N GLN B 414 -1.25 24.05 5.18
CA GLN B 414 -1.88 23.27 4.11
C GLN B 414 -1.01 22.04 3.89
N ILE B 415 -1.59 20.85 4.12
CA ILE B 415 -0.87 19.59 4.00
C ILE B 415 -1.75 18.57 3.29
N SER B 416 -1.10 17.53 2.78
CA SER B 416 -1.83 16.42 2.19
C SER B 416 -0.91 15.20 2.15
N PHE B 417 -1.51 14.01 2.17
CA PHE B 417 -0.77 12.78 2.07
C PHE B 417 -1.72 11.64 1.76
N SER B 418 -1.15 10.53 1.32
CA SER B 418 -1.92 9.33 1.03
C SER B 418 -1.53 8.23 2.01
N ARG B 419 -2.42 7.27 2.16
CA ARG B 419 -2.14 6.01 2.85
C ARG B 419 -1.99 4.98 1.74
N GLY B 420 -0.75 4.69 1.37
CA GLY B 420 -0.51 3.83 0.22
C GLY B 420 -1.20 4.38 -1.01
N SER B 421 -1.86 3.49 -1.75
CA SER B 421 -2.66 3.86 -2.90
C SER B 421 -4.16 3.68 -2.63
N ARG B 422 -4.56 3.77 -1.36
CA ARG B 422 -5.93 3.48 -1.00
C ARG B 422 -6.70 4.64 -0.40
N GLY B 423 -6.02 5.65 0.13
CA GLY B 423 -6.71 6.79 0.72
C GLY B 423 -5.85 8.02 0.63
N PHE B 424 -6.50 9.18 0.49
CA PHE B 424 -5.83 10.46 0.39
C PHE B 424 -6.58 11.49 1.21
N VAL B 425 -5.85 12.36 1.91
CA VAL B 425 -6.44 13.40 2.75
C VAL B 425 -5.68 14.71 2.52
N ALA B 426 -6.41 15.81 2.64
CA ALA B 426 -5.83 17.14 2.50
C ALA B 426 -6.46 18.06 3.54
N PHE B 427 -5.66 19.00 4.05
CA PHE B 427 -6.10 19.90 5.11
C PHE B 427 -5.77 21.34 4.73
N ASN B 428 -6.64 22.25 5.18
CA ASN B 428 -6.36 23.69 5.02
C ASN B 428 -6.73 24.40 6.31
N ASN B 429 -5.70 24.74 7.09
CA ASN B 429 -5.87 25.56 8.28
C ASN B 429 -5.25 26.95 8.13
N ASP B 430 -4.88 27.34 6.91
CA ASP B 430 -4.38 28.68 6.66
C ASP B 430 -5.55 29.63 6.41
N ASN B 431 -5.27 30.93 6.54
CA ASN B 431 -6.29 31.96 6.35
C ASN B 431 -6.54 32.30 4.89
N TYR B 432 -6.06 31.47 3.95
CA TYR B 432 -6.33 31.62 2.54
C TYR B 432 -6.74 30.27 1.96
N ASP B 433 -7.30 30.31 0.76
CA ASP B 433 -7.86 29.11 0.15
C ASP B 433 -6.76 28.13 -0.26
N LEU B 434 -7.13 26.86 -0.34
CA LEU B 434 -6.29 25.82 -0.91
C LEU B 434 -6.92 25.44 -2.25
N ASN B 435 -6.22 25.74 -3.35
CA ASN B 435 -6.67 25.42 -4.71
C ASN B 435 -5.45 24.90 -5.46
N SER B 436 -5.14 23.61 -5.27
CA SER B 436 -3.89 23.06 -5.77
C SER B 436 -4.15 21.71 -6.42
N SER B 437 -3.38 21.43 -7.46
CA SER B 437 -3.28 20.08 -7.99
C SER B 437 -2.31 19.29 -7.12
N LEU B 438 -2.81 18.26 -6.44
CA LEU B 438 -2.01 17.48 -5.51
C LEU B 438 -1.95 16.03 -5.96
N GLN B 439 -0.84 15.37 -5.66
CA GLN B 439 -0.69 13.95 -5.93
C GLN B 439 -1.45 13.16 -4.88
N THR B 440 -2.43 12.37 -5.31
CA THR B 440 -3.24 11.59 -4.38
C THR B 440 -2.73 10.16 -4.20
N GLY B 441 -1.89 9.67 -5.09
CA GLY B 441 -1.44 8.30 -5.04
C GLY B 441 -2.49 7.26 -5.36
N LEU B 442 -3.72 7.67 -5.69
CA LEU B 442 -4.85 6.78 -5.88
C LEU B 442 -5.03 6.43 -7.36
N PRO B 443 -5.71 5.31 -7.65
CA PRO B 443 -6.02 4.99 -9.05
C PRO B 443 -6.87 6.09 -9.67
N ALA B 444 -6.69 6.30 -10.98
CA ALA B 444 -7.44 7.31 -11.69
C ALA B 444 -8.94 7.03 -11.61
N GLY B 445 -9.72 8.08 -11.47
CA GLY B 445 -11.17 7.90 -11.43
C GLY B 445 -11.84 9.05 -10.71
N THR B 446 -13.09 8.81 -10.32
CA THR B 446 -13.94 9.79 -9.67
C THR B 446 -14.24 9.32 -8.25
N TYR B 447 -13.88 10.13 -7.27
CA TYR B 447 -14.03 9.78 -5.86
C TYR B 447 -14.96 10.77 -5.17
N CYS B 448 -15.68 10.25 -4.17
CA CYS B 448 -16.54 11.07 -3.32
C CYS B 448 -15.73 11.57 -2.11
N ASP B 449 -15.71 12.88 -1.91
CA ASP B 449 -15.15 13.44 -0.68
C ASP B 449 -16.00 12.99 0.49
N VAL B 450 -15.45 12.13 1.36
CA VAL B 450 -16.23 11.57 2.46
C VAL B 450 -16.38 12.53 3.61
N ILE B 451 -15.74 13.70 3.56
CA ILE B 451 -15.97 14.72 4.57
C ILE B 451 -17.29 15.45 4.29
N SER B 452 -17.45 15.98 3.08
CA SER B 452 -18.65 16.72 2.72
C SER B 452 -19.81 15.84 2.30
N GLY B 453 -19.58 14.55 2.07
CA GLY B 453 -20.68 13.69 1.67
C GLY B 453 -20.30 12.22 1.74
N SER B 454 -21.03 11.42 0.98
CA SER B 454 -20.78 10.00 0.90
C SER B 454 -21.07 9.54 -0.52
N LYS B 455 -20.58 8.35 -0.83
CA LYS B 455 -20.99 7.67 -2.05
C LYS B 455 -22.38 7.11 -1.87
N SER B 456 -23.24 7.34 -2.86
CA SER B 456 -24.62 6.83 -2.85
C SER B 456 -24.94 6.35 -4.25
N GLY B 457 -25.07 5.04 -4.41
CA GLY B 457 -25.25 4.49 -5.74
C GLY B 457 -24.05 4.82 -6.59
N SER B 458 -24.28 5.50 -7.71
CA SER B 458 -23.21 5.89 -8.63
C SER B 458 -22.94 7.39 -8.61
N SER B 459 -23.17 8.03 -7.47
CA SER B 459 -22.97 9.47 -7.37
C SER B 459 -22.47 9.80 -5.97
N CYS B 460 -22.09 11.06 -5.78
CA CYS B 460 -21.62 11.57 -4.50
C CYS B 460 -22.60 12.59 -3.96
N THR B 461 -22.83 12.55 -2.65
CA THR B 461 -23.73 13.52 -2.03
C THR B 461 -23.04 14.82 -1.66
N GLY B 462 -21.72 14.83 -1.58
CA GLY B 462 -21.00 16.08 -1.33
C GLY B 462 -20.08 16.40 -2.48
N LYS B 463 -18.88 16.86 -2.18
CA LYS B 463 -17.90 17.22 -3.20
C LYS B 463 -17.42 15.99 -3.96
N THR B 464 -17.03 16.21 -5.21
CA THR B 464 -16.48 15.17 -6.06
C THR B 464 -15.02 15.48 -6.37
N VAL B 465 -14.17 14.45 -6.36
CA VAL B 465 -12.75 14.60 -6.66
C VAL B 465 -12.41 13.72 -7.84
N THR B 466 -11.79 14.31 -8.86
CA THR B 466 -11.41 13.60 -10.07
C THR B 466 -9.90 13.41 -10.09
N VAL B 467 -9.47 12.16 -10.04
CA VAL B 467 -8.05 11.81 -10.07
C VAL B 467 -7.67 11.45 -11.48
N GLY B 468 -6.69 12.16 -12.04
CA GLY B 468 -6.24 11.91 -13.39
C GLY B 468 -5.35 10.69 -13.50
N SER B 469 -4.91 10.42 -14.74
CA SER B 469 -4.06 9.27 -15.01
C SER B 469 -2.70 9.38 -14.33
N ASP B 470 -2.27 10.60 -14.00
CA ASP B 470 -1.00 10.80 -13.31
C ASP B 470 -1.16 10.80 -11.79
N GLY B 471 -2.36 10.53 -11.28
CA GLY B 471 -2.61 10.52 -9.85
C GLY B 471 -2.89 11.87 -9.23
N ARG B 472 -2.82 12.95 -10.00
CA ARG B 472 -3.07 14.28 -9.47
C ARG B 472 -4.56 14.59 -9.54
N ALA B 473 -5.02 15.44 -8.61
CA ALA B 473 -6.40 15.83 -8.53
C ALA B 473 -6.48 17.29 -8.10
N SER B 474 -7.50 17.98 -8.59
CA SER B 474 -7.75 19.37 -8.19
C SER B 474 -8.38 19.35 -6.79
N ILE B 475 -7.63 19.83 -5.80
CA ILE B 475 -8.08 19.84 -4.40
C ILE B 475 -8.38 21.28 -4.00
N ASN B 476 -9.63 21.52 -3.60
CA ASN B 476 -10.11 22.86 -3.29
C ASN B 476 -10.73 22.85 -1.90
N ILE B 477 -10.11 23.56 -0.95
CA ILE B 477 -10.64 23.72 0.40
C ILE B 477 -10.56 25.21 0.72
N GLY B 478 -11.69 25.90 0.69
CA GLY B 478 -11.70 27.31 1.06
C GLY B 478 -11.45 27.47 2.55
N SER B 479 -10.71 28.52 2.90
CA SER B 479 -10.37 28.76 4.30
C SER B 479 -11.59 29.08 5.16
N SER B 480 -12.69 29.53 4.55
CA SER B 480 -13.91 29.86 5.28
C SER B 480 -15.00 28.80 5.12
N GLU B 481 -14.66 27.64 4.57
CA GLU B 481 -15.65 26.58 4.46
C GLU B 481 -15.94 25.96 5.82
N ASP B 482 -17.08 25.28 5.92
CA ASP B 482 -17.48 24.65 7.17
C ASP B 482 -16.48 23.57 7.61
N ASP B 483 -15.90 22.86 6.65
CA ASP B 483 -14.89 21.85 6.94
C ASP B 483 -13.57 22.27 6.30
N GLY B 484 -12.48 21.94 6.98
CA GLY B 484 -11.17 22.28 6.47
C GLY B 484 -10.37 21.05 6.10
N VAL B 485 -11.06 19.96 5.79
CA VAL B 485 -10.42 18.70 5.43
C VAL B 485 -11.20 18.06 4.29
N LEU B 486 -10.48 17.39 3.39
CA LEU B 486 -11.05 16.63 2.30
C LEU B 486 -10.43 15.24 2.35
N ALA B 487 -11.23 14.20 2.08
CA ALA B 487 -10.73 12.83 2.16
C ALA B 487 -11.40 11.95 1.12
N ILE B 488 -10.60 11.14 0.43
CA ILE B 488 -11.11 10.19 -0.56
C ILE B 488 -10.40 8.86 -0.37
N HIS B 489 -11.08 7.77 -0.71
CA HIS B 489 -10.48 6.45 -0.58
C HIS B 489 -11.18 5.49 -1.54
N VAL B 490 -10.53 4.34 -1.76
CA VAL B 490 -10.94 3.42 -2.81
C VAL B 490 -12.25 2.72 -2.50
N ASN B 491 -12.73 2.75 -1.26
CA ASN B 491 -14.02 2.17 -0.91
C ASN B 491 -15.16 3.17 -1.04
N ALA B 492 -14.89 4.36 -1.59
CA ALA B 492 -15.91 5.34 -1.91
C ALA B 492 -15.59 5.95 -3.27
N LYS B 493 -15.36 5.08 -4.24
CA LYS B 493 -14.98 5.46 -5.60
C LYS B 493 -16.16 5.29 -6.53
N LEU B 494 -16.36 6.32 -7.37
CA LEU B 494 -17.40 6.49 -8.41
C LEU B 494 -18.57 7.34 -7.88
C2 BGC C . -2.71 -17.24 -32.84
C3 BGC C . -1.85 -16.09 -33.34
C4 BGC C . -2.73 -14.91 -33.74
C5 BGC C . -3.65 -14.52 -32.59
C6 BGC C . -4.63 -13.44 -32.94
C1 BGC C . -3.63 -16.76 -31.73
O1 BGC C . -4.47 -17.82 -31.36
O2 BGC C . -1.87 -18.28 -32.34
O3 BGC C . -1.07 -16.52 -34.46
O4 BGC C . -1.91 -13.79 -34.08
O5 BGC C . -4.43 -15.66 -32.19
C1 GLC C . -2.14 -13.48 -35.47
C2 GLC C . -0.80 -13.40 -36.18
C3 GLC C . 0.03 -12.24 -35.65
C4 GLC C . -0.79 -10.95 -35.57
C5 GLC C . -2.10 -11.25 -34.83
C6 GLC C . -3.02 -10.05 -34.64
O2 GLC C . -0.08 -14.59 -36.01
O3 GLC C . 1.17 -12.08 -36.46
O4 GLC C . -0.01 -9.97 -34.93
O5 GLC C . -2.80 -12.24 -35.55
O6 GLC C . -3.55 -9.67 -35.89
C1A RY7 C . 3.33 -5.06 -33.76
C2A RY7 C . 3.46 -4.11 -32.56
C3A RY7 C . 2.07 -3.44 -32.27
C4A RY7 C . 1.71 -2.49 -33.41
C5A RY7 C . 2.47 -2.83 -34.70
C6A RY7 C . 1.87 -2.15 -35.92
C7A RY7 C . 2.62 -4.36 -34.94
O2A RY7 C . 3.93 -4.79 -31.44
O3A RY7 C . 2.11 -2.76 -31.06
O4A RY7 C . 0.28 -2.51 -33.62
O6A RY7 C . 2.77 -1.05 -36.18
C1 RY7 C . -0.01 -8.79 -35.73
C2 RY7 C . 1.40 -8.48 -36.26
C3 RY7 C . 2.32 -7.93 -35.23
C4 RY7 C . 1.69 -6.80 -34.47
C5 RY7 C . 0.35 -7.24 -33.88
C6 RY7 C . -0.28 -6.12 -33.16
N4 RY7 C . 2.59 -6.32 -33.37
O2 RY7 C . 1.96 -9.68 -36.79
O3 RY7 C . 3.49 -7.46 -35.93
O5 RY7 C . -0.57 -7.65 -34.96
C1 GLC D . -0.29 -1.50 -32.74
C2 GLC D . -1.66 -2.00 -32.25
C3 GLC D . -2.75 -1.88 -33.31
C4 GLC D . -2.72 -0.48 -33.91
C5 GLC D . -1.34 -0.26 -34.51
C6 GLC D . -1.22 1.02 -35.32
O2 GLC D . -1.53 -3.35 -31.86
O3 GLC D . -4.02 -2.14 -32.75
O4 GLC D . -3.77 -0.35 -34.85
O5 GLC D . -0.40 -0.26 -33.44
O6 GLC D . -1.64 2.13 -34.55
C1A RY7 D . -8.28 0.79 -38.38
C2A RY7 D . -9.37 -0.26 -38.62
C3A RY7 D . -9.08 -1.03 -39.94
C4A RY7 D . -9.23 -0.12 -41.16
C5A RY7 D . -8.91 1.35 -40.86
C6A RY7 D . -8.32 1.99 -42.11
C7A RY7 D . -7.94 1.56 -39.66
O2A RY7 D . -9.34 -1.18 -37.58
O3A RY7 D . -9.98 -2.09 -40.05
O4A RY7 D . -8.34 -0.62 -42.20
O6A RY7 D . -7.93 3.33 -41.79
C1 RY7 D . -4.58 0.79 -34.53
C2 RY7 D . -6.04 0.41 -34.28
C3 RY7 D . -6.65 -0.17 -35.51
C4 RY7 D . -6.52 0.78 -36.67
C5 RY7 D . -5.04 1.20 -36.88
C6 RY7 D . -4.94 2.20 -37.92
N4 RY7 D . -7.05 0.11 -37.89
O2 RY7 D . -6.11 -0.53 -33.20
O3 RY7 D . -8.05 -0.45 -35.33
O5 RY7 D . -4.50 1.79 -35.63
C2 BGC E . 0.17 19.33 33.60
C3 BGC E . -0.44 18.00 34.05
C4 BGC E . -1.39 18.22 35.22
C5 BGC E . -2.41 19.31 34.87
C6 BGC E . -3.33 19.66 36.02
C1 BGC E . -0.91 20.37 33.35
O1 BGC E . -0.30 21.58 33.02
O2 BGC E . 0.93 19.13 32.41
O3 BGC E . 0.59 17.09 34.42
O4 BGC E . -2.07 17.01 35.53
O5 BGC E . -1.72 20.51 34.51
C1 GLC E . -1.75 16.64 36.89
C2 GLC E . -1.32 15.17 36.94
C3 GLC E . -2.47 14.23 36.60
C4 GLC E . -3.74 14.61 37.36
C5 GLC E . -4.00 16.10 37.18
C6 GLC E . -5.26 16.61 37.89
O2 GLC E . -0.28 14.94 36.02
O3 GLC E . -2.07 12.92 36.93
O4 GLC E . -4.81 13.82 36.88
O5 GLC E . -2.90 16.82 37.70
O6 GLC E . -5.06 16.57 39.27
C1A RY7 E . -9.32 9.76 36.30
C2A RY7 E . -10.70 9.83 35.64
C3A RY7 E . -11.54 10.97 36.29
C4A RY7 E . -11.89 10.60 37.72
C5A RY7 E . -10.92 9.54 38.31
C6A RY7 E . -10.97 9.55 39.83
C7A RY7 E . -9.44 9.66 37.82
O2A RY7 E . -10.61 10.02 34.26
O3A RY7 E . -12.68 11.19 35.54
O4A RY7 E . -11.91 11.80 38.54
O6A RY7 E . -11.72 8.37 40.13
C1 RY7 E . -5.45 13.17 37.98
C2 RY7 E . -5.32 11.64 37.86
C3 RY7 E . -6.22 11.04 36.85
C4 RY7 E . -7.65 11.50 37.00
C5 RY7 E . -7.71 13.04 37.02
C6 RY7 E . -9.08 13.51 37.22
N4 RY7 E . -8.51 10.97 35.90
O2 RY7 E . -3.97 11.33 37.56
O3 RY7 E . -6.14 9.62 37.02
O5 RY7 E . -6.88 13.60 38.10
C1 GLC F . -13.27 12.29 38.52
C2 GLC F . -13.24 13.83 38.58
C3 GLC F . -12.96 14.36 39.98
C4 GLC F . -13.88 13.68 40.98
C5 GLC F . -13.62 12.18 40.89
C6 GLC F . -14.37 11.38 41.96
O2 GLC F . -12.26 14.29 37.68
O3 GLC F . -13.16 15.76 40.01
O4 GLC F . -13.65 14.19 42.28
O5 GLC F . -14.02 11.75 39.61
O6 GLC F . -15.74 11.71 41.91
C1A RY7 F . -13.32 16.56 47.64
C2A RY7 F . -12.42 17.78 47.88
C3A RY7 F . -11.04 17.34 48.45
C4A RY7 F . -11.20 16.78 49.86
C5A RY7 F . -12.58 16.12 50.10
C6A RY7 F . -12.38 15.00 51.10
C7A RY7 F . -13.26 15.57 48.82
O2A RY7 F . -12.19 18.44 46.67
O3A RY7 F . -10.20 18.45 48.49
O4A RY7 F . -10.15 15.81 50.08
O6A RY7 F . -13.63 14.32 51.28
C1 RY7 F . -14.89 14.68 42.85
C2 RY7 F . -14.82 16.19 43.17
C3 RY7 F . -13.79 16.47 44.22
C4 RY7 F . -14.01 15.66 45.46
C5 RY7 F . -14.13 14.15 45.11
C6 RY7 F . -14.47 13.38 46.30
N4 RY7 F . -12.87 15.87 46.39
O2 RY7 F . -14.57 16.95 41.98
O3 RY7 F . -13.83 17.86 44.59
O5 RY7 F . -15.18 13.94 44.10
CL CL G . 8.17 -7.50 -29.14
C1 EDO H . -2.03 -14.95 -4.19
O1 EDO H . -1.48 -13.65 -3.90
C2 EDO H . -2.23 -15.07 -5.70
O2 EDO H . -2.54 -16.42 -6.02
C1 EDO I . 13.10 -35.56 -8.99
O1 EDO I . 13.87 -35.15 -7.85
C2 EDO I . 13.42 -34.69 -10.20
O2 EDO I . 12.66 -35.12 -11.33
C1 EDO J . 21.19 -8.19 -4.31
O1 EDO J . 22.08 -9.31 -4.42
C2 EDO J . 21.40 -7.51 -2.97
O2 EDO J . 21.47 -8.50 -1.94
C1 EDO K . 4.26 -5.45 -6.08
O1 EDO K . 4.78 -4.61 -5.04
C2 EDO K . 5.29 -6.53 -6.38
O2 EDO K . 5.57 -7.23 -5.16
C1 EDO L . 9.23 -5.28 -3.65
O1 EDO L . 9.68 -4.22 -4.52
C2 EDO L . 7.72 -5.40 -3.69
O2 EDO L . 7.27 -6.41 -2.77
C1 EDO M . -4.44 -10.75 -21.29
O1 EDO M . -5.38 -10.15 -20.40
C2 EDO M . -3.07 -10.73 -20.64
O2 EDO M . -3.17 -11.29 -19.33
C1 EDO N . 2.45 13.16 -12.05
O1 EDO N . 3.71 13.08 -11.38
C2 EDO N . 2.23 14.57 -12.57
O2 EDO N . 3.31 14.94 -13.45
C1 EDO O . 1.52 -34.10 -5.31
O1 EDO O . 0.49 -34.19 -6.29
C2 EDO O . 2.55 -35.19 -5.56
O2 EDO O . 3.00 -35.10 -6.91
C1 EDO P . 19.47 -29.50 6.22
O1 EDO P . 18.95 -30.79 5.89
C2 EDO P . 18.30 -28.52 6.26
O2 EDO P . 17.38 -28.96 7.27
C1 EDO Q . 13.31 -19.45 5.81
O1 EDO Q . 12.78 -20.59 6.49
C2 EDO Q . 13.20 -19.66 4.31
O2 EDO Q . 13.71 -20.97 3.99
C1 EDO R . 21.80 -16.73 -24.50
O1 EDO R . 21.17 -17.37 -23.38
C2 EDO R . 22.82 -17.68 -25.13
O2 EDO R . 22.14 -18.83 -25.65
C1 EDO S . 23.91 -20.96 -33.91
O1 EDO S . 24.22 -21.82 -32.81
C2 EDO S . 22.51 -21.26 -34.42
O2 EDO S . 21.57 -21.11 -33.36
C1 EDO T . 2.34 -36.65 -9.62
O1 EDO T . 1.03 -36.23 -9.25
C2 EDO T . 2.52 -36.47 -11.12
O2 EDO T . 3.92 -36.53 -11.38
C1 EDO U . 27.25 -11.76 -15.77
O1 EDO U . 27.14 -13.07 -15.24
C2 EDO U . 25.95 -11.39 -16.47
O2 EDO U . 25.70 -12.33 -17.51
C1 EDO V . -4.11 5.77 -53.31
O1 EDO V . -4.01 5.07 -52.06
C2 EDO V . -2.72 6.18 -53.77
O2 EDO V . -1.88 5.01 -53.83
C1 EDO W . 9.68 7.59 -55.15
O1 EDO W . 10.69 6.59 -55.32
C2 EDO W . 10.13 8.59 -54.09
O2 EDO W . 8.99 9.18 -53.46
C1 EDO X . 18.52 16.36 -20.90
O1 EDO X . 18.19 16.16 -22.28
C2 EDO X . 19.81 15.60 -20.55
O2 EDO X . 19.66 14.20 -20.81
C1 EDO Y . 29.39 11.65 -27.78
O1 EDO Y . 29.69 12.73 -26.87
C2 EDO Y . 30.02 10.35 -27.29
O2 EDO Y . 29.32 9.86 -26.15
SR SR Z . 4.63 -5.41 -45.64
SR SR AA . 8.16 -36.00 -13.70
CL CL BA . -8.82 7.98 29.50
C1 EDO CA . 2.27 31.04 8.99
O1 EDO CA . 2.14 29.79 9.68
C2 EDO CA . 3.32 30.92 7.89
O2 EDO CA . 4.59 30.59 8.46
C1 EDO DA . -4.11 0.37 14.12
O1 EDO DA . -5.03 1.48 14.08
C2 EDO DA . -4.24 -0.49 12.86
O2 EDO DA . -3.45 -1.69 13.00
C1 EDO EA . -17.91 5.72 2.65
O1 EDO EA . -17.70 5.89 4.06
C2 EDO EA . -18.94 6.73 2.18
O2 EDO EA . -19.32 6.45 0.84
C1 EDO FA . 8.22 11.85 32.73
O1 EDO FA . 7.66 12.38 31.53
C2 EDO FA . 7.27 12.14 33.90
O2 EDO FA . 7.10 13.55 34.08
C1 EDO GA . 7.19 -3.18 21.14
O1 EDO GA . 8.61 -3.24 21.33
C2 EDO GA . 6.64 -2.02 21.96
O2 EDO GA . 7.20 -0.80 21.47
C1 EDO HA . -16.84 -3.86 9.08
O1 EDO HA . -17.54 -2.84 8.35
C2 EDO HA . -15.77 -4.48 8.20
O2 EDO HA . -14.81 -3.49 7.83
C1 EDO IA . -11.73 22.14 26.68
O1 EDO IA . -11.22 22.68 25.46
C2 EDO IA . -11.09 22.83 27.88
O2 EDO IA . -11.27 24.25 27.76
C1 EDO JA . -33.20 19.53 17.30
O1 EDO JA . -33.54 18.14 17.35
C2 EDO JA . -31.84 19.69 16.64
O2 EDO JA . -30.85 19.01 17.43
C1 EDO KA . -21.21 21.38 17.56
O1 EDO KA . -20.59 22.44 18.28
C2 EDO KA . -22.03 21.94 16.39
O2 EDO KA . -23.03 20.97 16.03
C1 EDO LA . 6.88 18.51 0.60
O1 EDO LA . 6.45 19.36 -0.46
C2 EDO LA . 7.20 19.34 1.83
O2 EDO LA . 7.62 18.48 2.89
C1 EDO MA . 7.71 28.18 5.93
O1 EDO MA . 7.94 27.15 6.89
C2 EDO MA . 6.96 29.32 6.62
O2 EDO MA . 6.50 30.26 5.65
C1 EDO NA . -22.46 15.66 9.71
O1 EDO NA . -22.35 16.22 11.02
C2 EDO NA . -23.72 14.81 9.61
O2 EDO NA . -23.62 13.73 10.55
C1 EDO OA . -14.64 29.07 11.71
O1 EDO OA . -15.38 28.05 11.03
C2 EDO OA . -13.58 28.43 12.59
O2 EDO OA . -14.21 27.55 13.52
C1 EDO PA . -5.07 17.41 28.28
O1 EDO PA . -4.12 16.74 27.44
C2 EDO PA . -4.64 18.86 28.53
O2 EDO PA . -3.21 18.90 28.53
C1 EDO QA . 3.89 8.26 52.55
O1 EDO QA . 4.57 9.05 51.57
C2 EDO QA . 3.09 7.19 51.82
O2 EDO QA . 3.96 6.50 50.92
C1 EDO RA . 3.01 -2.21 46.93
O1 EDO RA . 1.67 -2.16 47.41
C2 EDO RA . 3.43 -3.66 46.77
O2 EDO RA . 4.14 -3.83 45.53
C1 EDO SA . 1.67 5.86 -3.28
O1 EDO SA . 2.08 6.87 -4.20
C2 EDO SA . 0.52 5.09 -3.90
O2 EDO SA . 0.98 4.30 -5.00
C1 EDO TA . -5.16 18.00 -11.22
O1 EDO TA . -5.88 19.24 -11.36
C2 EDO TA . -4.07 17.95 -12.27
O2 EDO TA . -4.67 17.73 -13.55
C1 EDO UA . -20.47 20.22 12.99
O1 EDO UA . -20.35 21.48 12.31
C2 EDO UA . -20.84 19.11 12.01
O2 EDO UA . -21.35 18.01 12.76
C1 EDO VA . 2.48 0.08 0.18
O1 EDO VA . 1.41 -0.05 -0.76
C2 EDO VA . 2.07 1.10 1.24
O2 EDO VA . 2.56 0.68 2.51
SR SR WA . -3.20 4.49 45.06
SR SR XA . 9.11 22.26 6.56
#